data_4XXW
#
_entry.id   4XXW
#
_cell.length_a   157.746
_cell.length_b   57.789
_cell.length_c   155.264
_cell.angle_alpha   90.00
_cell.angle_beta   99.17
_cell.angle_gamma   90.00
#
_symmetry.space_group_name_H-M   'C 1 2 1'
#
loop_
_entity.id
_entity.type
_entity.pdbx_description
1 polymer Protocadherin-15
2 polymer Cadherin-23
3 non-polymer 'CALCIUM ION'
4 non-polymer 'CHLORIDE ION'
5 water water
#
loop_
_entity_poly.entity_id
_entity_poly.type
_entity_poly.pdbx_seq_one_letter_code
_entity_poly.pdbx_strand_id
1 'polypeptide(L)'
;MQYDDDCKLARGGPPATIVAIDEESRNGTILVDNMLIKGTAGGPDPTIELSLKDNVDYWVLLDPVKQMLFLNSTGRVLDR
DPPMNIHSIVVQVQCVNKKVGTVIYHEVRIVVRDRNDNSPTFKHESYYATVNELTPVGTTIFTGFSGDNGATDIDDGPNG
QIEYVIQYNPEDPTSNDTFEIPLMLTGNVVLRKRLNYEDKTRYYVIIQANDRAQNLNERRTTTTTLTVDLEHHHHHH
;
B,A
2 'polypeptide(L)'
;MQVNRLPFFTNHFFDTYLLISEDTPVGSSVTQLLARDMDNDPLVFGVSGEEASRFFAVEPDTGVVWLRQPLDRETKSEFT
VEFSVSDHQGVITRKVNIQVGDVNDNAPTFHNQPYSVRIPENTPVGTPIFIVNATDPDLGAGGSVLYSFQPPSPFFAIDS
ARGIVTVIQELDYEVTQAYQLTVNATDQDKTRPLSTLANLAIIITDLEHHHHHH
;
C,D
#
loop_
_chem_comp.id
_chem_comp.type
_chem_comp.name
_chem_comp.formula
CA non-polymer 'CALCIUM ION' 'Ca 2'
CL non-polymer 'CHLORIDE ION' 'Cl -1'
#
# COMPACT_ATOMS: atom_id res chain seq x y z
N ASP A 4 52.36 11.49 30.04
CA ASP A 4 52.96 10.26 29.41
C ASP A 4 51.83 9.45 28.69
N ASP A 5 51.80 8.12 28.83
CA ASP A 5 50.84 7.28 28.11
C ASP A 5 49.57 6.95 28.90
N ASP A 6 49.38 7.53 30.07
CA ASP A 6 48.19 7.28 30.84
C ASP A 6 46.94 7.78 30.11
N CYS A 7 45.89 6.97 30.17
CA CYS A 7 44.73 7.03 29.28
C CYS A 7 44.77 6.26 27.95
N LYS A 8 45.91 5.90 27.44
CA LYS A 8 45.99 4.96 26.33
C LYS A 8 45.72 3.58 26.81
N LEU A 9 45.28 2.75 25.89
CA LEU A 9 45.12 1.31 26.15
C LEU A 9 46.41 0.64 26.56
N ALA A 10 46.34 -0.14 27.62
CA ALA A 10 47.42 -1.03 28.02
C ALA A 10 47.46 -2.28 27.17
N ARG A 11 46.32 -2.82 26.85
CA ARG A 11 46.23 -3.91 25.87
C ARG A 11 46.57 -3.45 24.46
N GLY A 12 46.94 -4.46 23.68
CA GLY A 12 47.08 -4.37 22.25
C GLY A 12 45.70 -4.61 21.68
N GLY A 13 45.62 -4.63 20.36
CA GLY A 13 44.37 -4.81 19.63
C GLY A 13 43.77 -3.47 19.21
N PRO A 14 42.54 -3.51 18.68
CA PRO A 14 41.87 -2.36 18.11
C PRO A 14 41.22 -1.44 19.18
N PRO A 15 40.93 -0.20 18.80
CA PRO A 15 40.47 0.85 19.75
C PRO A 15 39.20 0.58 20.51
N ALA A 16 38.17 0.11 19.82
CA ALA A 16 36.90 -0.24 20.41
C ALA A 16 37.01 -1.51 21.22
N THR A 17 36.23 -1.54 22.31
CA THR A 17 36.13 -2.71 23.19
C THR A 17 34.75 -3.26 22.94
N ILE A 18 34.68 -4.32 22.15
CA ILE A 18 33.43 -4.89 21.76
C ILE A 18 33.19 -6.22 22.54
N VAL A 19 32.01 -6.38 23.09
CA VAL A 19 31.63 -7.56 23.77
C VAL A 19 30.16 -7.80 23.41
N ALA A 20 29.67 -8.96 23.82
CA ALA A 20 28.31 -9.37 23.58
C ALA A 20 27.73 -10.00 24.85
N ILE A 21 26.42 -10.11 24.85
CA ILE A 21 25.64 -10.54 25.98
C ILE A 21 24.20 -10.90 25.54
N ASP A 22 23.63 -11.94 26.16
CA ASP A 22 22.24 -12.30 25.91
C ASP A 22 21.28 -11.27 26.46
N GLU A 23 20.21 -11.02 25.74
CA GLU A 23 19.10 -10.28 26.32
C GLU A 23 18.67 -10.91 27.65
N GLU A 24 18.13 -10.08 28.52
CA GLU A 24 17.54 -10.51 29.81
C GLU A 24 18.59 -11.05 30.79
N SER A 25 19.86 -10.68 30.61
CA SER A 25 20.91 -11.07 31.52
C SER A 25 20.72 -10.43 32.93
N ARG A 26 21.18 -11.11 33.98
CA ARG A 26 21.01 -10.64 35.39
C ARG A 26 21.60 -9.24 35.63
N ASN A 27 20.93 -8.47 36.46
CA ASN A 27 21.54 -7.27 36.95
C ASN A 27 22.88 -7.59 37.59
N GLY A 28 23.87 -6.74 37.31
CA GLY A 28 25.23 -6.96 37.77
C GLY A 28 26.13 -7.84 36.92
N THR A 29 25.62 -8.38 35.81
CA THR A 29 26.46 -9.08 34.84
C THR A 29 27.66 -8.19 34.42
N ILE A 30 28.83 -8.82 34.45
CA ILE A 30 30.05 -8.18 34.12
C ILE A 30 30.16 -8.11 32.61
N LEU A 31 30.05 -6.90 32.07
CA LEU A 31 30.11 -6.69 30.63
C LEU A 31 31.58 -6.76 30.14
N VAL A 32 32.45 -6.01 30.82
CA VAL A 32 33.85 -5.99 30.53
C VAL A 32 34.59 -6.19 31.85
N ASP A 33 35.41 -7.23 31.98
CA ASP A 33 36.08 -7.45 33.26
C ASP A 33 37.13 -6.40 33.57
N ASN A 34 37.94 -6.03 32.57
CA ASN A 34 38.94 -5.01 32.78
C ASN A 34 39.11 -4.26 31.49
N MET A 35 38.85 -2.94 31.51
CA MET A 35 39.06 -2.09 30.34
C MET A 35 40.53 -2.01 29.87
N LEU A 36 41.47 -2.33 30.74
CA LEU A 36 42.90 -2.34 30.46
C LEU A 36 43.40 -1.01 29.91
N ILE A 37 43.00 0.07 30.56
CA ILE A 37 43.50 1.39 30.25
C ILE A 37 44.70 1.72 31.15
N LYS A 38 45.80 2.20 30.58
CA LYS A 38 46.99 2.64 31.36
C LYS A 38 46.67 3.73 32.36
N GLY A 39 47.21 3.58 33.55
CA GLY A 39 46.99 4.55 34.63
C GLY A 39 46.12 3.94 35.71
N THR A 40 45.98 4.69 36.80
CA THR A 40 45.16 4.25 37.94
C THR A 40 44.24 5.40 38.23
N ALA A 41 42.97 5.06 38.37
CA ALA A 41 41.91 5.95 38.83
C ALA A 41 41.83 5.98 40.35
N GLY A 42 42.49 5.03 41.03
CA GLY A 42 42.39 4.99 42.48
C GLY A 42 43.69 5.28 43.14
N GLY A 43 43.72 4.91 44.42
CA GLY A 43 44.92 4.89 45.21
C GLY A 43 45.30 6.27 45.67
N PRO A 44 46.48 6.38 46.34
CA PRO A 44 47.05 7.64 46.85
C PRO A 44 47.06 8.75 45.82
N ASP A 45 47.61 8.45 44.63
CA ASP A 45 48.00 9.46 43.65
C ASP A 45 47.47 9.08 42.22
N PRO A 46 46.14 9.18 41.99
CA PRO A 46 45.52 8.70 40.74
C PRO A 46 46.12 9.43 39.56
N THR A 47 46.51 8.72 38.50
CA THR A 47 47.01 9.43 37.32
C THR A 47 45.90 9.75 36.32
N ILE A 48 44.70 9.15 36.48
CA ILE A 48 43.62 9.30 35.51
C ILE A 48 42.27 9.43 36.19
N GLU A 49 41.30 9.95 35.43
CA GLU A 49 39.88 9.99 35.78
C GLU A 49 39.09 9.21 34.70
N LEU A 50 38.17 8.36 35.16
CA LEU A 50 37.34 7.55 34.32
C LEU A 50 35.89 7.76 34.65
N SER A 51 35.07 7.97 33.62
CA SER A 51 33.63 8.15 33.79
C SER A 51 32.98 7.68 32.52
N LEU A 52 31.68 7.45 32.51
CA LEU A 52 30.92 7.05 31.31
C LEU A 52 30.29 8.20 30.60
N LYS A 53 30.32 8.21 29.28
CA LYS A 53 29.53 9.16 28.52
C LYS A 53 28.63 8.41 27.56
N ASP A 54 27.55 9.08 27.19
CA ASP A 54 26.55 8.60 26.26
C ASP A 54 26.07 7.24 26.78
N ASN A 55 25.83 7.21 28.10
CA ASN A 55 25.31 6.06 28.78
C ASN A 55 23.81 6.24 28.82
N VAL A 56 23.23 6.08 27.65
CA VAL A 56 21.82 6.32 27.38
C VAL A 56 20.98 5.38 28.24
N ASP A 57 20.08 5.92 29.07
CA ASP A 57 19.26 5.09 29.96
C ASP A 57 20.10 4.30 31.02
N TYR A 58 21.35 4.69 31.27
CA TYR A 58 22.20 4.08 32.31
C TYR A 58 22.25 2.58 32.36
N TRP A 59 22.36 1.93 31.20
CA TRP A 59 22.46 0.48 31.19
C TRP A 59 23.79 0.02 31.72
N VAL A 60 24.80 0.85 31.66
CA VAL A 60 26.11 0.44 32.05
C VAL A 60 26.51 1.13 33.35
N LEU A 61 27.15 0.40 34.25
CA LEU A 61 27.87 1.02 35.39
C LEU A 61 29.33 0.70 35.40
N LEU A 62 30.09 1.70 35.78
CA LEU A 62 31.52 1.64 35.79
C LEU A 62 32.03 1.63 37.24
N ASP A 63 32.94 0.72 37.54
CA ASP A 63 33.89 0.85 38.65
C ASP A 63 35.28 1.33 38.17
N PRO A 64 35.60 2.60 38.37
CA PRO A 64 36.82 3.11 37.74
C PRO A 64 38.14 2.55 38.24
N VAL A 65 38.18 2.05 39.47
CA VAL A 65 39.43 1.57 40.07
C VAL A 65 39.79 0.19 39.50
N LYS A 66 38.79 -0.68 39.45
CA LYS A 66 38.90 -1.98 38.79
C LYS A 66 38.82 -1.90 37.25
N GLN A 67 38.25 -0.77 36.74
CA GLN A 67 37.99 -0.53 35.32
C GLN A 67 37.04 -1.61 34.78
N MET A 68 36.03 -1.93 35.59
CA MET A 68 35.09 -2.98 35.31
C MET A 68 33.77 -2.33 34.91
N LEU A 69 33.13 -2.87 33.88
CA LEU A 69 31.79 -2.42 33.49
C LEU A 69 30.77 -3.49 33.76
N PHE A 70 29.61 -3.02 34.24
CA PHE A 70 28.52 -3.90 34.70
C PHE A 70 27.21 -3.50 34.04
N LEU A 71 26.37 -4.48 33.79
CA LEU A 71 25.00 -4.23 33.43
C LEU A 71 24.17 -3.77 34.66
N ASN A 72 23.46 -2.66 34.48
CA ASN A 72 22.57 -2.10 35.44
C ASN A 72 21.14 -2.32 34.94
N SER A 73 20.49 -3.40 35.39
CA SER A 73 19.10 -3.65 35.05
C SER A 73 18.21 -3.89 36.26
N THR A 74 18.52 -3.35 37.45
CA THR A 74 17.63 -3.47 38.62
C THR A 74 16.26 -2.88 38.26
N GLY A 75 15.22 -3.67 38.47
CA GLY A 75 13.86 -3.22 38.20
C GLY A 75 13.43 -3.14 36.75
N ARG A 76 14.25 -3.60 35.81
CA ARG A 76 13.84 -3.67 34.41
C ARG A 76 14.45 -4.91 33.77
N VAL A 77 14.09 -5.23 32.53
CA VAL A 77 14.84 -6.27 31.76
C VAL A 77 15.47 -5.72 30.51
N LEU A 78 16.68 -6.17 30.21
CA LEU A 78 17.32 -5.89 28.89
C LEU A 78 16.64 -6.68 27.76
N ASP A 79 15.69 -6.08 27.06
CA ASP A 79 14.86 -6.81 26.10
C ASP A 79 15.20 -6.43 24.62
N ARG A 80 15.61 -7.44 23.84
CA ARG A 80 15.96 -7.27 22.44
C ARG A 80 14.73 -7.24 21.53
N ASP A 81 13.61 -7.82 21.99
CA ASP A 81 12.44 -7.97 21.21
C ASP A 81 11.62 -6.67 21.29
N PRO A 82 10.73 -6.45 20.30
CA PRO A 82 9.72 -5.41 20.50
C PRO A 82 8.92 -5.66 21.80
N PRO A 83 8.47 -4.59 22.48
CA PRO A 83 8.63 -3.20 22.01
C PRO A 83 9.95 -2.50 22.40
N MET A 84 10.84 -3.11 23.16
CA MET A 84 12.02 -2.39 23.63
C MET A 84 13.14 -2.33 22.55
N ASN A 85 13.27 -3.36 21.70
CA ASN A 85 14.27 -3.43 20.58
C ASN A 85 15.71 -2.97 20.84
N ILE A 86 16.28 -3.42 21.96
CA ILE A 86 17.68 -3.15 22.23
C ILE A 86 18.60 -4.23 21.61
N HIS A 87 19.16 -3.86 20.44
CA HIS A 87 20.06 -4.72 19.67
C HIS A 87 21.53 -4.52 20.08
N SER A 88 21.85 -3.30 20.48
CA SER A 88 23.14 -3.05 21.02
C SER A 88 23.14 -1.80 21.92
N ILE A 89 24.12 -1.75 22.83
CA ILE A 89 24.45 -0.63 23.66
C ILE A 89 25.89 -0.15 23.39
N VAL A 90 25.99 1.17 23.15
CA VAL A 90 27.26 1.87 22.92
C VAL A 90 27.42 2.95 24.04
N VAL A 91 28.57 2.92 24.74
CA VAL A 91 28.97 3.89 25.75
C VAL A 91 30.41 4.30 25.46
N GLN A 92 30.82 5.42 26.04
CA GLN A 92 32.21 5.79 25.98
C GLN A 92 32.76 5.78 27.37
N VAL A 93 33.92 5.18 27.52
CA VAL A 93 34.66 5.33 28.72
C VAL A 93 35.59 6.49 28.48
N GLN A 94 35.29 7.64 29.08
CA GLN A 94 36.15 8.82 29.01
C GLN A 94 37.30 8.66 29.98
N CYS A 95 38.51 8.84 29.48
CA CYS A 95 39.68 8.83 30.29
C CYS A 95 40.40 10.19 30.20
N VAL A 96 40.60 10.86 31.34
CA VAL A 96 41.32 12.16 31.38
C VAL A 96 42.68 11.98 32.01
N ASN A 97 43.74 12.34 31.31
CA ASN A 97 45.07 12.23 31.87
C ASN A 97 45.26 13.47 32.83
N LYS A 98 45.46 13.21 34.12
CA LYS A 98 45.37 14.28 35.12
C LYS A 98 46.49 15.25 35.00
N LYS A 99 47.68 14.78 34.62
CA LYS A 99 48.89 15.58 34.48
C LYS A 99 48.97 16.39 33.20
N VAL A 100 48.62 15.77 32.07
CA VAL A 100 48.71 16.45 30.76
C VAL A 100 47.40 17.19 30.42
N GLY A 101 46.25 16.72 30.90
CA GLY A 101 44.96 17.23 30.46
C GLY A 101 44.35 16.47 29.27
N THR A 102 45.08 15.52 28.67
CA THR A 102 44.66 14.80 27.49
C THR A 102 43.35 14.07 27.76
N VAL A 103 42.46 14.01 26.77
CA VAL A 103 41.23 13.25 26.90
C VAL A 103 41.13 12.19 25.79
N ILE A 104 40.87 10.94 26.20
CA ILE A 104 40.70 9.84 25.27
C ILE A 104 39.38 9.14 25.59
N TYR A 105 38.55 8.95 24.58
CA TYR A 105 37.31 8.21 24.73
C TYR A 105 37.50 6.77 24.23
N HIS A 106 37.24 5.79 25.12
CA HIS A 106 37.35 4.38 24.81
C HIS A 106 36.01 3.81 24.53
N GLU A 107 35.71 3.59 23.24
CA GLU A 107 34.33 3.28 22.92
C GLU A 107 34.10 1.79 23.31
N VAL A 108 32.92 1.53 23.86
CA VAL A 108 32.51 0.21 24.23
C VAL A 108 31.23 -0.12 23.48
N ARG A 109 31.27 -1.27 22.82
CA ARG A 109 30.11 -1.73 22.08
C ARG A 109 29.71 -3.11 22.56
N ILE A 110 28.41 -3.21 22.87
CA ILE A 110 27.79 -4.36 23.51
C ILE A 110 26.72 -4.88 22.58
N VAL A 111 26.96 -6.04 22.02
CA VAL A 111 26.02 -6.65 21.07
C VAL A 111 25.06 -7.45 21.91
N VAL A 112 23.76 -7.25 21.72
CA VAL A 112 22.78 -7.96 22.48
C VAL A 112 22.15 -9.06 21.66
N ARG A 113 22.30 -10.28 22.15
CA ARG A 113 21.90 -11.48 21.47
C ARG A 113 20.45 -11.88 21.77
N ASP A 114 19.73 -12.30 20.74
CA ASP A 114 18.41 -12.82 20.90
C ASP A 114 18.33 -14.21 21.63
N ARG A 115 17.35 -14.28 22.52
CA ARG A 115 17.02 -15.47 23.23
C ARG A 115 15.72 -15.91 22.65
N ASN A 116 15.49 -17.24 22.68
CA ASN A 116 14.18 -17.71 22.31
C ASN A 116 13.25 -17.63 23.51
N ASP A 117 12.76 -16.43 23.84
CA ASP A 117 11.97 -16.25 25.05
C ASP A 117 10.51 -15.93 24.71
N ASN A 118 10.12 -16.12 23.48
CA ASN A 118 8.75 -15.97 23.12
C ASN A 118 8.30 -17.16 22.30
N SER A 119 7.02 -17.45 22.49
CA SER A 119 6.34 -18.54 21.80
C SER A 119 5.56 -17.99 20.62
N PRO A 120 5.29 -18.83 19.61
CA PRO A 120 4.31 -18.44 18.61
C PRO A 120 2.94 -18.10 19.20
N THR A 121 2.27 -17.13 18.59
CA THR A 121 0.89 -16.76 18.90
C THR A 121 0.10 -16.83 17.61
N PHE A 122 -1.09 -17.42 17.63
CA PHE A 122 -1.90 -17.41 16.45
C PHE A 122 -2.76 -16.13 16.49
N LYS A 123 -2.97 -15.53 15.33
CA LYS A 123 -3.81 -14.36 15.20
C LYS A 123 -5.25 -14.64 15.62
N HIS A 124 -5.84 -15.74 15.20
CA HIS A 124 -7.17 -16.12 15.69
C HIS A 124 -7.16 -17.30 16.74
N GLU A 125 -8.19 -17.41 17.59
CA GLU A 125 -8.23 -18.43 18.57
C GLU A 125 -8.54 -19.84 17.98
N SER A 126 -9.08 -19.89 16.75
CA SER A 126 -9.33 -21.11 16.01
C SER A 126 -9.59 -20.78 14.55
N TYR A 127 -9.55 -21.79 13.69
CA TYR A 127 -9.62 -21.66 12.25
C TYR A 127 -10.60 -22.69 11.68
N TYR A 128 -11.02 -22.46 10.44
CA TYR A 128 -12.26 -23.06 9.86
C TYR A 128 -12.11 -23.23 8.39
N ALA A 129 -12.57 -24.35 7.87
CA ALA A 129 -12.65 -24.57 6.44
C ALA A 129 -13.87 -25.42 6.16
N THR A 130 -14.48 -25.22 4.99
CA THR A 130 -15.52 -26.09 4.53
C THR A 130 -15.05 -26.81 3.27
N VAL A 131 -15.39 -28.07 3.18
CA VAL A 131 -14.90 -28.91 2.11
C VAL A 131 -16.10 -29.65 1.48
N ASN A 132 -16.07 -29.78 0.16
CA ASN A 132 -17.11 -30.48 -0.58
C ASN A 132 -16.78 -31.93 -0.49
N GLU A 133 -17.75 -32.77 -0.16
CA GLU A 133 -17.46 -34.20 -0.04
C GLU A 133 -16.75 -34.87 -1.22
N LEU A 134 -16.97 -34.39 -2.43
CA LEU A 134 -16.30 -34.92 -3.62
C LEU A 134 -14.93 -34.32 -3.92
N THR A 135 -14.45 -33.39 -3.09
CA THR A 135 -13.10 -32.84 -3.24
C THR A 135 -12.08 -33.99 -3.36
N PRO A 136 -11.26 -33.96 -4.42
CA PRO A 136 -10.39 -35.10 -4.57
C PRO A 136 -9.14 -34.97 -3.72
N VAL A 137 -8.59 -36.12 -3.38
CA VAL A 137 -7.33 -36.25 -2.67
C VAL A 137 -6.25 -35.42 -3.36
N GLY A 138 -5.31 -34.88 -2.59
CA GLY A 138 -4.32 -33.94 -3.11
C GLY A 138 -4.76 -32.49 -3.18
N THR A 139 -6.04 -32.18 -2.99
CA THR A 139 -6.50 -30.77 -3.07
C THR A 139 -6.12 -29.97 -1.78
N THR A 140 -5.63 -28.74 -1.94
CA THR A 140 -5.39 -27.87 -0.82
C THR A 140 -6.73 -27.36 -0.37
N ILE A 141 -7.03 -27.50 0.92
CA ILE A 141 -8.35 -27.16 1.47
C ILE A 141 -8.31 -26.06 2.49
N PHE A 142 -7.13 -25.58 2.84
CA PHE A 142 -7.00 -24.55 3.86
C PHE A 142 -5.70 -23.83 3.66
N THR A 143 -5.78 -22.51 3.49
CA THR A 143 -4.61 -21.64 3.31
C THR A 143 -4.64 -20.44 4.25
N GLY A 144 -5.50 -20.52 5.28
CA GLY A 144 -5.73 -19.44 6.22
C GLY A 144 -4.54 -19.05 7.07
N PHE A 145 -3.46 -19.82 7.10
CA PHE A 145 -2.19 -19.37 7.75
C PHE A 145 -1.26 -18.44 6.90
N SER A 146 -1.71 -18.06 5.69
CA SER A 146 -0.98 -17.11 4.83
C SER A 146 -1.16 -15.65 5.27
N GLY A 147 -0.17 -14.82 4.94
CA GLY A 147 -0.07 -13.45 5.46
C GLY A 147 0.48 -13.64 6.86
N ASP A 148 0.06 -12.78 7.77
CA ASP A 148 0.34 -12.98 9.21
C ASP A 148 -1.00 -13.31 9.99
N ASN A 149 -1.85 -14.06 9.28
CA ASN A 149 -3.13 -14.54 9.74
C ASN A 149 -3.01 -15.88 10.50
N GLY A 150 -1.87 -16.53 10.36
CA GLY A 150 -1.49 -17.74 11.11
C GLY A 150 -0.76 -17.35 12.38
N ALA A 151 0.27 -18.16 12.70
CA ALA A 151 1.11 -17.95 13.88
C ALA A 151 2.28 -17.00 13.54
N THR A 152 2.68 -16.21 14.53
CA THR A 152 3.86 -15.34 14.40
C THR A 152 4.57 -15.33 15.71
N ASP A 153 5.79 -14.82 15.71
CA ASP A 153 6.65 -14.96 16.92
C ASP A 153 7.59 -13.77 16.92
N ILE A 154 7.71 -13.08 18.04
CA ILE A 154 8.43 -11.78 18.01
C ILE A 154 9.91 -11.85 18.18
N ASP A 155 10.47 -13.06 18.35
CA ASP A 155 11.91 -13.26 18.34
C ASP A 155 12.48 -13.03 16.92
N ASP A 156 13.79 -13.04 16.80
CA ASP A 156 14.47 -12.81 15.55
C ASP A 156 15.02 -14.10 14.92
N GLY A 157 15.30 -14.02 13.62
CA GLY A 157 15.83 -15.13 12.84
C GLY A 157 14.97 -16.35 13.04
N PRO A 158 15.63 -17.53 13.08
CA PRO A 158 14.96 -18.83 13.28
C PRO A 158 14.15 -18.97 14.56
N ASN A 159 14.56 -18.29 15.63
CA ASN A 159 13.74 -18.19 16.87
C ASN A 159 12.36 -17.60 16.64
N GLY A 160 12.23 -16.85 15.54
CA GLY A 160 10.97 -16.20 15.16
C GLY A 160 10.27 -16.80 13.93
N GLN A 161 10.82 -17.89 13.35
CA GLN A 161 10.21 -18.50 12.18
C GLN A 161 9.32 -19.64 12.63
N ILE A 162 8.37 -19.99 11.81
CA ILE A 162 7.27 -20.88 12.16
C ILE A 162 7.24 -22.16 11.30
N GLU A 163 6.96 -23.28 11.94
CA GLU A 163 6.61 -24.54 11.29
C GLU A 163 5.32 -25.10 11.91
N TYR A 164 4.44 -25.60 11.07
CA TYR A 164 3.14 -26.08 11.42
C TYR A 164 3.08 -27.57 11.17
N VAL A 165 2.59 -28.31 12.13
CA VAL A 165 2.64 -29.74 12.12
C VAL A 165 1.30 -30.20 12.64
N ILE A 166 0.57 -31.01 11.87
CA ILE A 166 -0.70 -31.56 12.39
C ILE A 166 -0.37 -32.55 13.53
N GLN A 167 -1.16 -32.53 14.60
CA GLN A 167 -0.97 -33.41 15.78
C GLN A 167 -2.09 -34.45 15.78
N TYR A 168 -1.79 -35.61 16.33
CA TYR A 168 -2.81 -36.58 16.57
C TYR A 168 -3.86 -36.03 17.51
N ASN A 169 -5.12 -36.22 17.21
CA ASN A 169 -6.21 -35.78 18.09
C ASN A 169 -6.99 -36.94 18.72
N PRO A 170 -6.83 -37.20 20.03
CA PRO A 170 -7.55 -38.30 20.65
C PRO A 170 -9.05 -38.09 20.67
N GLU A 171 -9.52 -36.87 20.48
CA GLU A 171 -10.96 -36.64 20.30
C GLU A 171 -11.51 -36.82 18.90
N ASP A 172 -10.63 -36.85 17.87
CA ASP A 172 -10.95 -37.13 16.44
C ASP A 172 -9.76 -37.93 15.80
N PRO A 173 -9.61 -39.19 16.25
CA PRO A 173 -8.49 -40.05 15.82
C PRO A 173 -8.14 -40.06 14.34
N THR A 174 -9.13 -40.01 13.47
CA THR A 174 -8.92 -39.97 12.04
C THR A 174 -8.49 -38.68 11.44
N SER A 175 -8.58 -37.56 12.17
CA SER A 175 -8.38 -36.24 11.53
C SER A 175 -6.96 -36.05 10.98
N ASN A 176 -5.95 -36.51 11.71
CA ASN A 176 -4.57 -36.39 11.22
C ASN A 176 -4.22 -37.43 10.12
N ASP A 177 -5.09 -38.39 9.87
CA ASP A 177 -4.95 -39.27 8.70
C ASP A 177 -5.62 -38.66 7.51
N THR A 178 -6.73 -37.98 7.72
CA THR A 178 -7.48 -37.51 6.62
C THR A 178 -6.88 -36.21 6.03
N PHE A 179 -6.16 -35.44 6.85
CA PHE A 179 -5.51 -34.22 6.37
C PHE A 179 -4.03 -34.19 6.69
N GLU A 180 -3.27 -33.52 5.84
CA GLU A 180 -1.84 -33.35 6.03
C GLU A 180 -1.41 -31.93 5.70
N ILE A 181 -0.20 -31.63 6.18
CA ILE A 181 0.55 -30.44 5.83
C ILE A 181 1.84 -30.92 5.21
N PRO A 182 1.93 -30.90 3.90
CA PRO A 182 3.18 -31.37 3.30
C PRO A 182 4.34 -30.38 3.44
N LEU A 183 4.05 -29.09 3.49
CA LEU A 183 5.09 -28.09 3.61
C LEU A 183 4.85 -27.33 4.92
N MET A 184 5.63 -27.70 5.93
CA MET A 184 5.45 -27.22 7.28
C MET A 184 5.68 -25.72 7.40
N LEU A 185 6.54 -25.15 6.57
CA LEU A 185 6.78 -23.70 6.57
C LEU A 185 5.55 -22.89 6.09
N THR A 186 4.67 -23.50 5.30
CA THR A 186 3.41 -22.82 4.90
C THR A 186 2.18 -23.10 5.78
N GLY A 187 2.04 -24.34 6.22
CA GLY A 187 0.90 -24.74 7.01
C GLY A 187 -0.38 -24.85 6.23
N ASN A 188 -0.29 -24.99 4.91
CA ASN A 188 -1.48 -25.28 4.12
C ASN A 188 -1.80 -26.75 4.28
N VAL A 189 -3.09 -27.00 4.40
CA VAL A 189 -3.60 -28.29 4.69
C VAL A 189 -4.21 -28.86 3.40
N VAL A 190 -3.85 -30.10 3.11
CA VAL A 190 -4.24 -30.81 1.90
C VAL A 190 -5.07 -32.05 2.30
N LEU A 191 -6.11 -32.36 1.52
CA LEU A 191 -6.91 -33.56 1.74
C LEU A 191 -6.15 -34.81 1.36
N ARG A 192 -6.06 -35.75 2.27
CA ARG A 192 -5.27 -36.97 2.09
C ARG A 192 -6.13 -38.20 1.80
N LYS A 193 -7.38 -38.21 2.25
CA LYS A 193 -8.28 -39.38 2.10
C LYS A 193 -9.62 -38.85 1.69
N ARG A 194 -10.32 -39.67 0.91
CA ARG A 194 -11.64 -39.40 0.38
C ARG A 194 -12.63 -39.12 1.48
N LEU A 195 -13.48 -38.13 1.28
CA LEU A 195 -14.53 -37.82 2.25
C LEU A 195 -15.86 -38.55 1.97
N ASN A 196 -16.68 -38.64 3.00
CA ASN A 196 -17.96 -39.30 2.95
C ASN A 196 -18.93 -38.66 3.93
N TYR A 197 -19.81 -37.83 3.41
CA TYR A 197 -20.79 -37.05 4.18
C TYR A 197 -21.77 -37.92 4.90
N GLU A 198 -21.94 -39.15 4.44
CA GLU A 198 -22.82 -40.11 5.11
C GLU A 198 -22.20 -40.69 6.35
N ASP A 199 -20.89 -40.69 6.44
CA ASP A 199 -20.24 -41.26 7.61
C ASP A 199 -19.71 -40.22 8.66
N LYS A 200 -19.11 -39.14 8.15
CA LYS A 200 -18.51 -38.14 9.01
C LYS A 200 -18.62 -36.77 8.33
N THR A 201 -19.17 -35.80 9.04
CA THR A 201 -19.37 -34.41 8.53
C THR A 201 -18.43 -33.38 9.13
N ARG A 202 -17.67 -33.74 10.18
CA ARG A 202 -16.73 -32.80 10.79
C ARG A 202 -15.42 -33.40 11.24
N TYR A 203 -14.32 -32.73 10.94
CA TYR A 203 -12.99 -33.10 11.48
C TYR A 203 -12.44 -31.96 12.35
N TYR A 204 -11.92 -32.33 13.51
CA TYR A 204 -11.11 -31.46 14.33
C TYR A 204 -9.65 -31.77 14.16
N VAL A 205 -8.98 -30.93 13.38
CA VAL A 205 -7.56 -31.07 13.11
C VAL A 205 -6.81 -30.18 14.09
N ILE A 206 -5.93 -30.79 14.91
CA ILE A 206 -5.01 -30.08 15.79
C ILE A 206 -3.71 -29.70 15.05
N ILE A 207 -3.45 -28.38 14.96
CA ILE A 207 -2.25 -27.89 14.31
C ILE A 207 -1.36 -27.21 15.34
N GLN A 208 -0.16 -27.73 15.51
CA GLN A 208 0.82 -27.14 16.42
C GLN A 208 1.83 -26.27 15.62
N ALA A 209 1.96 -24.99 15.97
CA ALA A 209 3.01 -24.16 15.39
C ALA A 209 4.21 -24.26 16.28
N ASN A 210 5.40 -24.55 15.75
CA ASN A 210 6.63 -24.38 16.52
C ASN A 210 7.57 -23.35 15.88
N ASP A 211 8.38 -22.71 16.72
CA ASP A 211 9.45 -21.87 16.20
C ASP A 211 10.69 -22.72 15.85
N ARG A 212 11.65 -22.12 15.16
CA ARG A 212 12.79 -22.86 14.64
C ARG A 212 14.07 -22.58 15.38
N ALA A 213 14.04 -22.56 16.69
CA ALA A 213 15.28 -22.43 17.46
C ALA A 213 16.28 -23.52 17.09
N GLN A 214 17.57 -23.18 16.99
CA GLN A 214 18.71 -24.12 16.74
C GLN A 214 18.55 -25.43 17.47
N ASN A 215 18.43 -25.35 18.77
CA ASN A 215 18.26 -26.53 19.55
C ASN A 215 16.77 -26.88 19.74
N LEU A 216 16.34 -28.03 19.18
CA LEU A 216 15.04 -28.65 19.47
C LEU A 216 14.40 -28.39 20.85
N ASN A 217 15.14 -28.61 21.93
CA ASN A 217 14.57 -28.52 23.29
C ASN A 217 14.43 -27.08 23.86
N GLU A 218 14.87 -26.08 23.11
CA GLU A 218 14.50 -24.69 23.41
C GLU A 218 13.39 -24.15 22.46
N ARG A 219 12.87 -24.99 21.57
CA ARG A 219 11.75 -24.61 20.72
C ARG A 219 10.53 -24.44 21.51
N ARG A 220 9.71 -23.53 21.04
CA ARG A 220 8.45 -23.24 21.66
C ARG A 220 7.28 -23.48 20.71
N THR A 221 6.15 -23.87 21.27
CA THR A 221 5.09 -24.37 20.46
C THR A 221 3.78 -23.81 20.90
N THR A 222 2.82 -23.79 20.02
CA THR A 222 1.48 -23.30 20.35
C THR A 222 0.56 -24.10 19.46
N THR A 223 -0.62 -24.36 19.98
CA THR A 223 -1.63 -25.17 19.35
C THR A 223 -2.86 -24.36 18.96
N THR A 224 -3.46 -24.71 17.84
CA THR A 224 -4.79 -24.23 17.43
C THR A 224 -5.59 -25.39 16.86
N THR A 225 -6.89 -25.19 16.71
CA THR A 225 -7.74 -26.19 16.09
C THR A 225 -8.25 -25.69 14.74
N LEU A 226 -8.07 -26.49 13.68
CA LEU A 226 -8.80 -26.25 12.44
C LEU A 226 -9.99 -27.18 12.39
N THR A 227 -11.20 -26.62 12.35
CA THR A 227 -12.42 -27.36 12.21
C THR A 227 -12.81 -27.39 10.71
N VAL A 228 -12.99 -28.57 10.20
CA VAL A 228 -13.26 -28.79 8.79
C VAL A 228 -14.67 -29.38 8.75
N ASP A 229 -15.60 -28.58 8.21
CA ASP A 229 -16.98 -29.03 7.90
C ASP A 229 -17.16 -29.38 6.43
N LEU A 230 -17.74 -30.55 6.18
CA LEU A 230 -18.18 -30.96 4.84
C LEU A 230 -19.42 -30.20 4.46
N GLU A 231 -19.54 -29.85 3.18
CA GLU A 231 -20.79 -29.20 2.69
C GLU A 231 -21.71 -30.19 1.97
N HIS A 232 -23.03 -29.95 2.10
CA HIS A 232 -24.10 -30.55 1.29
C HIS A 232 -25.47 -30.06 1.81
N ASP B 4 -46.08 -20.72 -6.62
CA ASP B 4 -47.33 -19.95 -6.90
C ASP B 4 -47.00 -18.60 -7.59
N ASP B 5 -46.74 -17.54 -6.82
CA ASP B 5 -46.13 -16.30 -7.30
C ASP B 5 -44.64 -16.25 -6.96
N ASP B 6 -44.01 -17.41 -6.85
CA ASP B 6 -42.58 -17.49 -6.60
C ASP B 6 -41.86 -17.07 -7.86
N CYS B 7 -40.75 -16.35 -7.68
CA CYS B 7 -40.02 -15.64 -8.74
C CYS B 7 -40.49 -14.24 -9.07
N LYS B 8 -41.62 -13.82 -8.54
CA LYS B 8 -41.95 -12.44 -8.55
C LYS B 8 -41.28 -11.69 -7.41
N LEU B 9 -41.19 -10.38 -7.57
CA LEU B 9 -40.59 -9.54 -6.56
C LEU B 9 -41.45 -9.57 -5.31
N ALA B 10 -40.79 -9.62 -4.15
CA ALA B 10 -41.45 -9.55 -2.85
C ALA B 10 -41.65 -8.08 -2.48
N ARG B 11 -40.59 -7.29 -2.63
CA ARG B 11 -40.70 -5.83 -2.61
C ARG B 11 -41.66 -5.27 -3.65
N GLY B 12 -42.15 -4.07 -3.42
CA GLY B 12 -42.86 -3.32 -4.44
C GLY B 12 -41.82 -2.36 -5.00
N GLY B 13 -42.29 -1.35 -5.72
CA GLY B 13 -41.41 -0.51 -6.49
C GLY B 13 -41.24 -1.12 -7.88
N PRO B 14 -40.27 -0.61 -8.67
CA PRO B 14 -40.14 -0.96 -10.12
C PRO B 14 -39.29 -2.22 -10.42
N PRO B 15 -39.28 -2.65 -11.71
CA PRO B 15 -38.69 -3.98 -12.01
C PRO B 15 -37.19 -4.03 -11.82
N ALA B 16 -36.50 -3.01 -12.28
CA ALA B 16 -35.06 -3.02 -12.14
C ALA B 16 -34.64 -2.77 -10.72
N THR B 17 -33.54 -3.34 -10.38
CA THR B 17 -32.94 -3.15 -9.10
C THR B 17 -31.68 -2.33 -9.34
N ILE B 18 -31.69 -1.09 -8.88
CA ILE B 18 -30.57 -0.18 -9.23
C ILE B 18 -29.84 0.22 -7.97
N VAL B 19 -28.53 0.06 -8.01
CA VAL B 19 -27.66 0.45 -6.94
C VAL B 19 -26.50 1.27 -7.50
N ALA B 20 -25.86 2.02 -6.59
CA ALA B 20 -24.64 2.78 -6.89
C ALA B 20 -23.55 2.31 -5.95
N ILE B 21 -22.34 2.09 -6.46
CA ILE B 21 -21.19 1.81 -5.63
C ILE B 21 -19.95 2.55 -6.14
N ASP B 22 -19.00 2.76 -5.23
CA ASP B 22 -17.74 3.39 -5.56
C ASP B 22 -16.86 2.47 -6.36
N GLU B 23 -16.32 3.01 -7.44
CA GLU B 23 -15.12 2.38 -8.04
C GLU B 23 -14.05 1.98 -7.02
N GLU B 24 -13.27 0.98 -7.42
CA GLU B 24 -12.15 0.45 -6.66
C GLU B 24 -12.57 -0.21 -5.35
N SER B 25 -13.88 -0.35 -5.10
CA SER B 25 -14.40 -1.14 -3.96
C SER B 25 -13.76 -2.50 -3.89
N ARG B 26 -13.54 -2.95 -2.65
CA ARG B 26 -12.86 -4.19 -2.39
C ARG B 26 -13.67 -5.42 -2.84
N ASN B 27 -12.96 -6.54 -3.01
CA ASN B 27 -13.61 -7.81 -3.22
C ASN B 27 -14.49 -8.11 -1.99
N GLY B 28 -15.68 -8.58 -2.30
CA GLY B 28 -16.67 -8.83 -1.27
C GLY B 28 -17.67 -7.72 -1.02
N THR B 29 -17.37 -6.48 -1.41
CA THR B 29 -18.34 -5.40 -1.22
C THR B 29 -19.74 -5.87 -1.65
N ILE B 30 -20.72 -5.60 -0.79
CA ILE B 30 -22.09 -6.02 -1.04
C ILE B 30 -22.68 -4.99 -2.01
N LEU B 31 -23.38 -5.48 -3.04
CA LEU B 31 -23.96 -4.71 -4.11
C LEU B 31 -25.45 -4.53 -3.95
N VAL B 32 -26.09 -5.61 -3.60
CA VAL B 32 -27.53 -5.65 -3.30
C VAL B 32 -27.58 -6.51 -2.04
N ASP B 33 -27.99 -5.93 -0.94
CA ASP B 33 -28.05 -6.66 0.31
C ASP B 33 -29.11 -7.76 0.27
N ASN B 34 -30.18 -7.54 -0.48
CA ASN B 34 -31.24 -8.52 -0.55
C ASN B 34 -32.16 -8.24 -1.73
N MET B 35 -32.26 -9.17 -2.69
CA MET B 35 -33.05 -8.96 -3.90
C MET B 35 -34.54 -8.99 -3.68
N LEU B 36 -34.94 -9.53 -2.55
CA LEU B 36 -36.32 -9.64 -2.18
C LEU B 36 -37.13 -10.31 -3.30
N ILE B 37 -36.66 -11.46 -3.76
CA ILE B 37 -37.47 -12.26 -4.66
C ILE B 37 -38.27 -13.27 -3.84
N LYS B 38 -39.55 -13.43 -4.16
CA LYS B 38 -40.40 -14.49 -3.56
C LYS B 38 -39.96 -15.87 -3.96
N GLY B 39 -39.81 -16.72 -2.93
CA GLY B 39 -39.46 -18.15 -3.04
C GLY B 39 -38.28 -18.32 -2.13
N THR B 40 -37.76 -19.54 -2.04
CA THR B 40 -36.43 -19.78 -1.48
C THR B 40 -35.70 -20.68 -2.46
N ALA B 41 -34.39 -20.50 -2.49
CA ALA B 41 -33.46 -21.34 -3.23
C ALA B 41 -32.59 -22.23 -2.31
N GLY B 42 -32.66 -22.04 -0.98
CA GLY B 42 -31.99 -22.91 0.00
C GLY B 42 -32.86 -24.06 0.52
N GLY B 43 -32.48 -24.59 1.69
CA GLY B 43 -33.20 -25.66 2.39
C GLY B 43 -33.27 -27.00 1.67
N PRO B 44 -33.91 -28.02 2.29
CA PRO B 44 -34.20 -29.31 1.62
C PRO B 44 -35.03 -29.26 0.31
N ASP B 45 -36.16 -28.54 0.32
CA ASP B 45 -37.09 -28.48 -0.83
C ASP B 45 -37.28 -27.00 -1.27
N PRO B 46 -36.32 -26.43 -2.04
CA PRO B 46 -36.46 -25.08 -2.64
C PRO B 46 -37.70 -24.89 -3.51
N THR B 47 -38.34 -23.71 -3.41
CA THR B 47 -39.36 -23.24 -4.38
C THR B 47 -38.78 -22.68 -5.70
N ILE B 48 -37.53 -22.18 -5.66
CA ILE B 48 -36.90 -21.48 -6.85
C ILE B 48 -35.40 -21.76 -7.12
N GLU B 49 -35.03 -21.61 -8.40
CA GLU B 49 -33.63 -21.55 -8.88
C GLU B 49 -33.22 -20.07 -9.27
N LEU B 50 -32.44 -19.45 -8.39
CA LEU B 50 -31.78 -18.18 -8.67
C LEU B 50 -30.39 -18.36 -9.25
N SER B 51 -30.14 -17.90 -10.48
CA SER B 51 -28.73 -17.70 -10.96
C SER B 51 -28.51 -16.32 -11.69
N LEU B 52 -27.25 -16.05 -12.06
CA LEU B 52 -26.87 -14.88 -12.81
C LEU B 52 -26.68 -15.17 -14.28
N LYS B 53 -27.15 -14.25 -15.09
CA LYS B 53 -26.99 -14.29 -16.54
C LYS B 53 -26.40 -12.96 -17.02
N ASP B 54 -25.74 -12.99 -18.18
CA ASP B 54 -25.05 -11.85 -18.77
C ASP B 54 -24.05 -11.26 -17.75
N ASN B 55 -23.33 -12.14 -17.08
CA ASN B 55 -22.38 -11.73 -16.08
C ASN B 55 -20.99 -11.56 -16.73
N VAL B 56 -20.93 -10.59 -17.63
CA VAL B 56 -19.78 -10.30 -18.48
C VAL B 56 -18.60 -9.96 -17.56
N ASP B 57 -17.53 -10.77 -17.66
CA ASP B 57 -16.33 -10.63 -16.85
C ASP B 57 -16.51 -10.98 -15.38
N TYR B 58 -17.66 -11.52 -14.99
CA TYR B 58 -17.82 -12.14 -13.66
C TYR B 58 -17.61 -11.19 -12.48
N TRP B 59 -18.02 -9.94 -12.66
CA TRP B 59 -17.92 -8.93 -11.60
C TRP B 59 -18.79 -9.25 -10.39
N VAL B 60 -19.95 -9.86 -10.65
CA VAL B 60 -20.92 -10.14 -9.63
C VAL B 60 -20.92 -11.63 -9.20
N LEU B 61 -21.17 -11.85 -7.91
CA LEU B 61 -21.42 -13.18 -7.39
C LEU B 61 -22.73 -13.18 -6.64
N LEU B 62 -23.54 -14.19 -6.93
CA LEU B 62 -24.78 -14.45 -6.21
C LEU B 62 -24.58 -15.44 -5.04
N ASP B 63 -25.11 -15.07 -3.86
CA ASP B 63 -25.55 -16.01 -2.83
C ASP B 63 -27.09 -16.25 -2.87
N PRO B 64 -27.52 -17.39 -3.47
CA PRO B 64 -28.97 -17.62 -3.69
C PRO B 64 -29.82 -17.80 -2.41
N VAL B 65 -29.19 -18.18 -1.30
CA VAL B 65 -29.90 -18.37 -0.04
C VAL B 65 -30.26 -17.00 0.52
N LYS B 66 -29.29 -16.17 0.81
CA LYS B 66 -29.59 -14.79 1.21
C LYS B 66 -30.12 -13.85 0.07
N GLN B 67 -30.04 -14.26 -1.21
CA GLN B 67 -30.35 -13.37 -2.38
C GLN B 67 -29.51 -12.09 -2.42
N MET B 68 -28.22 -12.27 -2.13
CA MET B 68 -27.30 -11.19 -1.90
C MET B 68 -26.36 -11.13 -3.09
N LEU B 69 -26.15 -9.95 -3.66
CA LEU B 69 -25.14 -9.75 -4.69
C LEU B 69 -23.86 -9.12 -4.12
N PHE B 70 -22.71 -9.71 -4.46
CA PHE B 70 -21.40 -9.28 -4.00
C PHE B 70 -20.55 -8.91 -5.17
N LEU B 71 -19.52 -8.13 -4.90
CA LEU B 71 -18.47 -7.90 -5.89
C LEU B 71 -17.37 -8.94 -5.84
N ASN B 72 -16.98 -9.36 -7.04
CA ASN B 72 -15.86 -10.20 -7.33
C ASN B 72 -14.72 -9.42 -8.01
N SER B 73 -13.75 -8.94 -7.22
CA SER B 73 -12.55 -8.26 -7.78
C SER B 73 -11.21 -8.77 -7.22
N THR B 74 -11.07 -10.06 -6.89
CA THR B 74 -9.76 -10.54 -6.45
C THR B 74 -8.80 -10.47 -7.65
N GLY B 75 -7.59 -9.96 -7.39
CA GLY B 75 -6.55 -9.81 -8.43
C GLY B 75 -6.86 -8.88 -9.59
N ARG B 76 -7.72 -7.89 -9.35
CA ARG B 76 -7.99 -6.83 -10.32
C ARG B 76 -8.69 -5.71 -9.56
N VAL B 77 -8.93 -4.63 -10.24
CA VAL B 77 -9.59 -3.50 -9.61
C VAL B 77 -10.76 -3.09 -10.48
N LEU B 78 -11.86 -2.72 -9.84
CA LEU B 78 -12.99 -2.16 -10.53
C LEU B 78 -12.78 -0.64 -10.76
N ASP B 79 -12.38 -0.28 -11.97
CA ASP B 79 -11.86 1.04 -12.24
C ASP B 79 -12.79 1.76 -13.22
N ARG B 80 -13.37 2.86 -12.76
CA ARG B 80 -14.17 3.75 -13.61
C ARG B 80 -13.33 4.58 -14.57
N ASP B 81 -12.04 4.73 -14.28
CA ASP B 81 -11.25 5.70 -15.06
C ASP B 81 -10.61 4.92 -16.20
N PRO B 82 -10.19 5.61 -17.28
CA PRO B 82 -9.31 4.99 -18.27
C PRO B 82 -8.10 4.31 -17.65
N PRO B 83 -7.58 3.23 -18.27
CA PRO B 83 -8.09 2.64 -19.52
C PRO B 83 -9.31 1.69 -19.40
N MET B 84 -9.68 1.31 -18.18
CA MET B 84 -10.83 0.41 -17.94
C MET B 84 -12.21 0.97 -18.27
N ASN B 85 -12.56 2.14 -17.74
CA ASN B 85 -13.86 2.79 -18.03
C ASN B 85 -15.15 2.02 -17.65
N ILE B 86 -15.18 1.44 -16.47
CA ILE B 86 -16.37 0.78 -16.04
C ILE B 86 -17.31 1.74 -15.35
N HIS B 87 -18.29 2.25 -16.10
CA HIS B 87 -19.27 3.17 -15.59
C HIS B 87 -20.51 2.49 -15.01
N SER B 88 -20.79 1.27 -15.45
CA SER B 88 -21.92 0.47 -14.95
C SER B 88 -21.76 -1.01 -15.30
N ILE B 89 -22.25 -1.88 -14.42
CA ILE B 89 -22.40 -3.29 -14.66
C ILE B 89 -23.89 -3.61 -14.66
N VAL B 90 -24.44 -4.10 -15.77
CA VAL B 90 -25.79 -4.68 -15.84
C VAL B 90 -25.70 -6.25 -15.76
N VAL B 91 -26.33 -6.86 -14.76
CA VAL B 91 -26.69 -8.31 -14.82
C VAL B 91 -28.13 -8.65 -14.63
N GLN B 92 -28.47 -9.92 -14.91
CA GLN B 92 -29.81 -10.50 -14.72
C GLN B 92 -29.77 -11.57 -13.66
N VAL B 93 -30.64 -11.47 -12.66
CA VAL B 93 -30.82 -12.52 -11.69
C VAL B 93 -32.02 -13.32 -12.26
N GLN B 94 -31.69 -14.45 -12.90
CA GLN B 94 -32.64 -15.43 -13.44
C GLN B 94 -33.25 -16.25 -12.32
N CYS B 95 -34.58 -16.26 -12.29
CA CYS B 95 -35.35 -16.99 -11.34
C CYS B 95 -36.22 -18.00 -12.11
N VAL B 96 -36.09 -19.29 -11.74
CA VAL B 96 -36.97 -20.35 -12.26
C VAL B 96 -37.85 -20.83 -11.10
N ASN B 97 -39.17 -20.78 -11.33
CA ASN B 97 -40.17 -21.32 -10.43
C ASN B 97 -40.28 -22.83 -10.70
N LYS B 98 -39.71 -23.64 -9.80
CA LYS B 98 -39.59 -25.09 -9.99
C LYS B 98 -40.94 -25.75 -10.22
N LYS B 99 -41.89 -25.51 -9.31
CA LYS B 99 -43.30 -25.96 -9.51
C LYS B 99 -43.83 -25.71 -10.91
N VAL B 100 -43.91 -24.44 -11.33
CA VAL B 100 -44.57 -24.03 -12.62
C VAL B 100 -43.60 -24.05 -13.83
N GLY B 101 -42.31 -23.85 -13.53
CA GLY B 101 -41.26 -23.67 -14.55
C GLY B 101 -41.20 -22.31 -15.26
N THR B 102 -41.85 -21.26 -14.72
CA THR B 102 -41.73 -19.95 -15.35
C THR B 102 -40.41 -19.33 -14.92
N VAL B 103 -39.91 -18.54 -15.86
CA VAL B 103 -38.65 -17.83 -15.82
C VAL B 103 -38.90 -16.32 -15.84
N ILE B 104 -38.41 -15.69 -14.76
CA ILE B 104 -38.38 -14.25 -14.63
C ILE B 104 -36.92 -13.76 -14.48
N TYR B 105 -36.57 -12.81 -15.37
CA TYR B 105 -35.27 -12.14 -15.29
C TYR B 105 -35.38 -10.90 -14.43
N HIS B 106 -34.59 -10.80 -13.38
CA HIS B 106 -34.56 -9.58 -12.57
C HIS B 106 -33.32 -8.78 -12.83
N GLU B 107 -33.48 -7.68 -13.55
CA GLU B 107 -32.34 -6.82 -13.96
C GLU B 107 -31.74 -6.05 -12.79
N VAL B 108 -30.43 -6.14 -12.71
CA VAL B 108 -29.62 -5.42 -11.74
C VAL B 108 -28.69 -4.47 -12.51
N ARG B 109 -28.74 -3.20 -12.14
CA ARG B 109 -27.88 -2.16 -12.75
C ARG B 109 -27.11 -1.50 -11.64
N ILE B 110 -25.80 -1.66 -11.65
CA ILE B 110 -24.85 -1.10 -10.68
C ILE B 110 -24.21 0.14 -11.33
N VAL B 111 -24.60 1.34 -10.88
CA VAL B 111 -23.92 2.58 -11.29
C VAL B 111 -22.57 2.64 -10.53
N VAL B 112 -21.47 2.66 -11.28
CA VAL B 112 -20.12 2.80 -10.70
C VAL B 112 -19.72 4.28 -10.49
N ARG B 113 -19.44 4.65 -9.24
CA ARG B 113 -19.27 6.08 -8.89
C ARG B 113 -17.77 6.46 -8.94
N ASP B 114 -17.50 7.67 -9.45
CA ASP B 114 -16.12 8.19 -9.52
C ASP B 114 -15.58 8.49 -8.12
N ARG B 115 -14.33 8.11 -7.91
CA ARG B 115 -13.58 8.54 -6.75
C ARG B 115 -12.48 9.44 -7.22
N ASN B 116 -11.94 10.25 -6.34
CA ASN B 116 -10.79 11.07 -6.74
C ASN B 116 -9.43 10.35 -6.47
N ASP B 117 -9.16 9.32 -7.26
CA ASP B 117 -8.01 8.47 -7.08
C ASP B 117 -6.86 8.77 -8.02
N ASN B 118 -6.96 9.88 -8.73
CA ASN B 118 -5.93 10.32 -9.62
C ASN B 118 -5.63 11.81 -9.43
N SER B 119 -4.36 12.12 -9.61
CA SER B 119 -3.80 13.42 -9.40
C SER B 119 -3.59 14.00 -10.77
N PRO B 120 -3.48 15.32 -10.86
CA PRO B 120 -3.06 15.96 -12.10
C PRO B 120 -1.68 15.54 -12.55
N THR B 121 -1.41 15.50 -13.86
CA THR B 121 -0.08 15.21 -14.42
C THR B 121 0.12 16.15 -15.54
N PHE B 122 1.34 16.67 -15.66
CA PHE B 122 1.64 17.61 -16.72
C PHE B 122 2.24 16.83 -17.86
N LYS B 123 1.84 17.11 -19.09
CA LYS B 123 2.46 16.50 -20.27
C LYS B 123 3.98 16.62 -20.28
N HIS B 124 4.50 17.84 -20.09
CA HIS B 124 5.93 18.07 -20.07
C HIS B 124 6.40 18.18 -18.62
N GLU B 125 7.67 17.96 -18.35
CA GLU B 125 8.20 17.93 -16.97
C GLU B 125 8.63 19.34 -16.49
N SER B 126 8.68 20.28 -17.43
CA SER B 126 8.86 21.68 -17.16
C SER B 126 8.43 22.44 -18.42
N TYR B 127 8.36 23.77 -18.33
CA TYR B 127 7.71 24.64 -19.30
C TYR B 127 8.47 25.91 -19.43
N TYR B 128 8.37 26.54 -20.59
CA TYR B 128 9.30 27.63 -20.97
C TYR B 128 8.61 28.76 -21.69
N ALA B 129 9.10 29.97 -21.41
CA ALA B 129 8.59 31.15 -22.02
C ALA B 129 9.74 32.10 -22.13
N THR B 130 9.74 32.78 -23.28
CA THR B 130 10.73 33.78 -23.61
C THR B 130 9.98 35.06 -23.75
N VAL B 131 10.43 36.06 -23.00
CA VAL B 131 9.70 37.29 -22.88
C VAL B 131 10.61 38.45 -23.19
N ASN B 132 10.13 39.33 -24.06
CA ASN B 132 10.89 40.49 -24.41
C ASN B 132 10.82 41.48 -23.24
N GLU B 133 11.94 42.12 -22.95
CA GLU B 133 11.95 43.26 -22.05
C GLU B 133 10.99 44.38 -22.56
N LEU B 134 10.68 44.42 -23.87
CA LEU B 134 9.65 45.32 -24.44
C LEU B 134 8.21 44.80 -24.40
N THR B 135 7.90 43.79 -23.59
CA THR B 135 6.48 43.35 -23.47
C THR B 135 5.86 44.09 -22.26
N PRO B 136 4.64 44.67 -22.44
CA PRO B 136 4.06 45.47 -21.36
C PRO B 136 3.19 44.66 -20.40
N VAL B 137 3.01 45.21 -19.19
CA VAL B 137 2.14 44.64 -18.17
C VAL B 137 0.74 44.26 -18.71
N GLY B 138 0.25 43.05 -18.35
CA GLY B 138 -1.05 42.56 -18.85
C GLY B 138 -1.01 41.69 -20.11
N THR B 139 0.17 41.64 -20.77
CA THR B 139 0.36 40.71 -21.88
C THR B 139 0.34 39.27 -21.31
N THR B 140 -0.35 38.37 -22.01
CA THR B 140 -0.19 36.96 -21.78
C THR B 140 1.15 36.53 -22.36
N ILE B 141 2.01 36.03 -21.50
CA ILE B 141 3.31 35.59 -21.91
C ILE B 141 3.46 34.08 -21.94
N PHE B 142 2.52 33.32 -21.39
CA PHE B 142 2.59 31.89 -21.52
C PHE B 142 1.21 31.30 -21.61
N THR B 143 1.00 30.51 -22.65
CA THR B 143 -0.28 29.89 -22.93
C THR B 143 -0.08 28.40 -23.07
N GLY B 144 1.02 27.88 -22.58
CA GLY B 144 1.40 26.52 -22.84
C GLY B 144 0.57 25.42 -22.18
N PHE B 145 -0.34 25.75 -21.29
CA PHE B 145 -1.20 24.74 -20.71
C PHE B 145 -2.48 24.49 -21.53
N SER B 146 -2.61 25.14 -22.69
CA SER B 146 -3.79 24.95 -23.53
C SER B 146 -3.85 23.55 -24.12
N GLY B 147 -5.06 23.15 -24.50
CA GLY B 147 -5.35 21.77 -24.89
C GLY B 147 -5.00 20.84 -23.75
N ASP B 148 -4.43 19.69 -24.09
CA ASP B 148 -3.93 18.69 -23.13
C ASP B 148 -2.49 18.99 -22.67
N ASN B 149 -1.97 20.15 -23.04
CA ASN B 149 -0.54 20.38 -23.01
C ASN B 149 -0.05 20.71 -21.56
N GLY B 150 -0.99 21.12 -20.72
CA GLY B 150 -0.73 21.40 -19.33
C GLY B 150 -0.93 20.15 -18.51
N ALA B 151 -1.69 20.32 -17.43
CA ALA B 151 -2.01 19.27 -16.52
C ALA B 151 -3.33 18.69 -16.95
N THR B 152 -3.41 17.36 -16.91
CA THR B 152 -4.69 16.68 -17.05
C THR B 152 -4.85 15.67 -15.94
N ASP B 153 -6.07 15.24 -15.75
CA ASP B 153 -6.42 14.40 -14.64
C ASP B 153 -7.44 13.47 -15.21
N ILE B 154 -7.19 12.15 -15.11
CA ILE B 154 -8.06 11.13 -15.73
C ILE B 154 -9.41 10.88 -15.04
N ASP B 155 -9.66 11.47 -13.86
CA ASP B 155 -10.97 11.31 -13.18
C ASP B 155 -12.08 12.09 -13.89
N ASP B 156 -13.29 11.95 -13.39
CA ASP B 156 -14.46 12.53 -14.02
C ASP B 156 -14.88 13.84 -13.37
N GLY B 157 -15.47 14.71 -14.19
CA GLY B 157 -16.07 15.94 -13.71
C GLY B 157 -15.08 16.81 -12.94
N PRO B 158 -15.50 17.29 -11.76
CA PRO B 158 -14.61 18.15 -10.99
C PRO B 158 -13.46 17.43 -10.30
N ASN B 159 -13.58 16.14 -10.00
CA ASN B 159 -12.38 15.30 -9.73
C ASN B 159 -11.30 15.36 -10.87
N GLY B 160 -11.70 15.66 -12.11
CA GLY B 160 -10.75 15.83 -13.22
C GLY B 160 -10.53 17.22 -13.75
N GLN B 161 -11.22 18.23 -13.24
CA GLN B 161 -11.00 19.59 -13.72
C GLN B 161 -9.81 20.28 -12.96
N ILE B 162 -8.97 21.05 -13.62
CA ILE B 162 -7.76 21.59 -13.04
C ILE B 162 -7.85 23.11 -12.69
N GLU B 163 -7.29 23.49 -11.53
CA GLU B 163 -7.03 24.87 -11.19
C GLU B 163 -5.52 25.05 -11.11
N TYR B 164 -4.98 26.07 -11.79
CA TYR B 164 -3.59 26.38 -11.74
C TYR B 164 -3.31 27.64 -10.90
N VAL B 165 -2.32 27.53 -10.02
CA VAL B 165 -1.99 28.59 -9.10
C VAL B 165 -0.50 28.75 -8.98
N ILE B 166 -0.04 29.98 -9.07
CA ILE B 166 1.36 30.32 -8.83
C ILE B 166 1.72 30.21 -7.35
N GLN B 167 2.91 29.74 -7.06
CA GLN B 167 3.36 29.58 -5.68
C GLN B 167 4.49 30.51 -5.43
N TYR B 168 4.69 30.77 -4.14
CA TYR B 168 5.86 31.47 -3.66
C TYR B 168 7.04 30.53 -3.90
N ASN B 169 8.04 30.98 -4.66
CA ASN B 169 9.34 30.29 -4.78
C ASN B 169 10.35 30.93 -3.81
N PRO B 170 10.76 30.21 -2.74
CA PRO B 170 11.88 30.70 -1.88
C PRO B 170 13.28 30.67 -2.54
N GLU B 171 13.52 29.71 -3.42
CA GLU B 171 14.69 29.72 -4.33
C GLU B 171 14.65 30.89 -5.40
N ASP B 172 13.50 31.56 -5.59
CA ASP B 172 13.41 32.79 -6.42
C ASP B 172 12.21 33.68 -6.02
N PRO B 173 12.28 34.34 -4.83
CA PRO B 173 11.27 35.15 -4.10
C PRO B 173 10.27 36.02 -4.87
N THR B 174 10.75 36.60 -5.95
CA THR B 174 10.09 37.69 -6.65
C THR B 174 9.22 37.29 -7.83
N SER B 175 9.33 36.04 -8.26
CA SER B 175 8.63 35.57 -9.46
C SER B 175 7.12 35.53 -9.31
N ASN B 176 6.63 35.19 -8.11
CA ASN B 176 5.18 35.25 -7.86
C ASN B 176 4.61 36.65 -7.67
N ASP B 177 5.45 37.66 -7.59
CA ASP B 177 4.98 39.05 -7.69
C ASP B 177 5.02 39.62 -9.12
N THR B 178 5.91 39.07 -9.95
CA THR B 178 6.08 39.57 -11.30
C THR B 178 5.07 38.93 -12.26
N PHE B 179 4.56 37.76 -11.92
CA PHE B 179 3.64 36.99 -12.79
C PHE B 179 2.44 36.47 -12.02
N GLU B 180 1.33 36.28 -12.73
CA GLU B 180 0.04 35.94 -12.14
C GLU B 180 -0.73 35.07 -13.11
N ILE B 181 -1.67 34.33 -12.56
CA ILE B 181 -2.61 33.57 -13.35
C ILE B 181 -4.01 34.15 -13.08
N PRO B 182 -4.49 35.09 -13.90
CA PRO B 182 -5.76 35.66 -13.45
C PRO B 182 -6.87 34.63 -13.42
N LEU B 183 -6.93 33.79 -14.46
CA LEU B 183 -8.00 32.80 -14.62
C LEU B 183 -7.46 31.41 -14.31
N MET B 184 -7.76 30.91 -13.12
CA MET B 184 -7.11 29.68 -12.65
C MET B 184 -7.41 28.41 -13.49
N LEU B 185 -8.55 28.39 -14.18
CA LEU B 185 -8.95 27.25 -15.01
C LEU B 185 -8.20 27.12 -16.33
N THR B 186 -7.57 28.21 -16.79
CA THR B 186 -6.77 28.16 -18.02
C THR B 186 -5.28 28.01 -17.75
N GLY B 187 -4.79 28.57 -16.64
CA GLY B 187 -3.37 28.60 -16.34
C GLY B 187 -2.50 29.44 -17.25
N ASN B 188 -3.12 30.30 -18.05
CA ASN B 188 -2.39 31.32 -18.78
C ASN B 188 -1.75 32.33 -17.84
N VAL B 189 -0.44 32.56 -17.98
CA VAL B 189 0.33 33.44 -17.08
C VAL B 189 0.48 34.84 -17.66
N VAL B 190 0.27 35.87 -16.83
CA VAL B 190 0.23 37.25 -17.31
C VAL B 190 1.29 38.05 -16.57
N LEU B 191 1.95 38.93 -17.31
CA LEU B 191 2.98 39.81 -16.76
C LEU B 191 2.33 40.88 -15.94
N ARG B 192 2.86 41.10 -14.74
CA ARG B 192 2.33 42.05 -13.80
C ARG B 192 3.26 43.22 -13.51
N LYS B 193 4.49 42.95 -13.09
CA LYS B 193 5.49 44.00 -12.90
C LYS B 193 6.16 44.34 -14.23
N ARG B 194 6.89 45.45 -14.19
CA ARG B 194 7.72 45.89 -15.29
C ARG B 194 9.03 45.10 -15.09
N LEU B 195 9.66 44.70 -16.21
CA LEU B 195 10.91 43.88 -16.13
C LEU B 195 12.10 44.75 -16.34
N ASN B 196 13.24 44.24 -15.93
CA ASN B 196 14.48 44.95 -16.05
C ASN B 196 15.68 44.01 -16.37
N TYR B 197 15.95 43.88 -17.68
CA TYR B 197 17.14 43.18 -18.22
C TYR B 197 18.42 43.49 -17.51
N GLU B 198 18.61 44.74 -17.14
CA GLU B 198 19.84 45.20 -16.54
C GLU B 198 19.97 44.62 -15.13
N ASP B 199 18.84 44.33 -14.50
CA ASP B 199 18.77 43.74 -13.14
C ASP B 199 18.57 42.17 -13.07
N LYS B 200 17.65 41.61 -13.86
CA LYS B 200 17.22 40.25 -13.66
C LYS B 200 16.81 39.65 -14.99
N THR B 201 17.29 38.45 -15.32
CA THR B 201 17.10 37.86 -16.67
C THR B 201 16.32 36.60 -16.68
N ARG B 202 16.10 35.98 -15.54
CA ARG B 202 15.39 34.73 -15.49
C ARG B 202 14.50 34.67 -14.28
N TYR B 203 13.28 34.19 -14.44
CA TYR B 203 12.39 33.91 -13.33
C TYR B 203 12.04 32.41 -13.30
N TYR B 204 12.07 31.80 -12.13
CA TYR B 204 11.66 30.45 -11.97
C TYR B 204 10.31 30.54 -11.26
N VAL B 205 9.25 30.25 -11.98
CA VAL B 205 7.89 30.45 -11.53
C VAL B 205 7.27 29.07 -11.26
N ILE B 206 6.87 28.85 -10.01
CA ILE B 206 6.35 27.58 -9.56
C ILE B 206 4.84 27.61 -9.76
N ILE B 207 4.29 26.60 -10.43
CA ILE B 207 2.86 26.49 -10.65
C ILE B 207 2.39 25.16 -10.14
N GLN B 208 1.32 25.19 -9.36
CA GLN B 208 0.73 24.02 -8.74
C GLN B 208 -0.60 23.86 -9.42
N ALA B 209 -0.84 22.65 -9.93
CA ALA B 209 -2.15 22.31 -10.42
C ALA B 209 -2.83 21.43 -9.40
N ASN B 210 -4.07 21.80 -9.09
CA ASN B 210 -4.95 20.98 -8.27
C ASN B 210 -6.23 20.61 -9.03
N ASP B 211 -6.78 19.47 -8.68
CA ASP B 211 -8.09 19.08 -9.16
C ASP B 211 -9.15 19.68 -8.23
N ARG B 212 -10.42 19.48 -8.53
CA ARG B 212 -11.48 20.25 -7.92
C ARG B 212 -12.46 19.43 -7.10
N ALA B 213 -11.99 18.40 -6.41
CA ALA B 213 -12.92 17.53 -5.64
C ALA B 213 -13.74 18.39 -4.68
N GLN B 214 -15.05 18.13 -4.58
CA GLN B 214 -15.96 18.79 -3.60
C GLN B 214 -15.25 19.00 -2.26
N ASN B 215 -14.73 17.90 -1.73
CA ASN B 215 -14.16 17.81 -0.44
C ASN B 215 -12.72 18.27 -0.49
N LEU B 216 -12.47 19.48 -0.02
CA LEU B 216 -11.17 20.14 -0.11
C LEU B 216 -9.95 19.30 0.23
N ASN B 217 -10.03 18.50 1.29
CA ASN B 217 -8.88 17.67 1.68
C ASN B 217 -8.84 16.25 1.06
N GLU B 218 -9.66 16.02 0.03
CA GLU B 218 -9.41 14.93 -0.91
C GLU B 218 -8.70 15.41 -2.18
N ARG B 219 -8.58 16.72 -2.41
CA ARG B 219 -7.91 17.25 -3.61
C ARG B 219 -6.48 16.77 -3.77
N ARG B 220 -6.03 16.64 -5.02
CA ARG B 220 -4.69 16.18 -5.33
C ARG B 220 -4.00 17.27 -6.09
N THR B 221 -2.68 17.38 -5.95
CA THR B 221 -1.94 18.54 -6.49
C THR B 221 -0.71 18.03 -7.18
N THR B 222 -0.13 18.85 -8.04
CA THR B 222 1.09 18.48 -8.73
C THR B 222 1.75 19.78 -9.12
N THR B 223 3.07 19.85 -9.01
CA THR B 223 3.79 21.07 -9.32
C THR B 223 4.58 20.90 -10.59
N THR B 224 4.77 22.03 -11.26
CA THR B 224 5.76 22.19 -12.30
C THR B 224 6.48 23.54 -12.20
N THR B 225 7.54 23.71 -12.97
CA THR B 225 8.23 24.98 -13.09
C THR B 225 7.99 25.54 -14.46
N LEU B 226 7.87 26.88 -14.51
CA LEU B 226 7.84 27.65 -15.71
C LEU B 226 9.04 28.55 -15.56
N THR B 227 10.03 28.43 -16.44
CA THR B 227 11.17 29.29 -16.45
C THR B 227 10.89 30.33 -17.49
N VAL B 228 10.96 31.61 -17.10
CA VAL B 228 10.78 32.72 -18.00
C VAL B 228 12.10 33.33 -18.18
N ASP B 229 12.56 33.35 -19.43
CA ASP B 229 13.84 34.00 -19.82
C ASP B 229 13.51 35.30 -20.58
N LEU B 230 14.21 36.36 -20.18
CA LEU B 230 14.15 37.65 -20.86
C LEU B 230 14.92 37.55 -22.17
N GLU B 231 14.40 38.15 -23.22
CA GLU B 231 15.10 38.23 -24.50
C GLU B 231 15.77 39.60 -24.59
N HIS B 232 16.87 39.70 -25.36
CA HIS B 232 17.37 41.04 -25.77
C HIS B 232 16.61 41.56 -27.01
N GLN C 2 11.56 -40.23 4.10
CA GLN C 2 12.38 -39.10 3.55
C GLN C 2 11.56 -37.85 3.11
N VAL C 3 11.08 -37.05 4.07
CA VAL C 3 10.76 -35.64 3.81
C VAL C 3 12.15 -35.02 3.71
N ASN C 4 12.22 -33.92 3.00
CA ASN C 4 13.45 -33.14 2.89
C ASN C 4 13.95 -32.73 4.29
N ARG C 5 15.21 -32.99 4.60
CA ARG C 5 15.90 -32.27 5.71
C ARG C 5 16.40 -30.85 5.24
N LEU C 6 16.04 -29.80 5.94
CA LEU C 6 16.52 -28.46 5.59
C LEU C 6 17.98 -28.26 6.02
N PRO C 7 18.75 -27.49 5.25
CA PRO C 7 20.11 -27.13 5.71
C PRO C 7 20.13 -26.13 6.80
N PHE C 8 21.28 -26.07 7.45
CA PHE C 8 21.49 -25.09 8.54
C PHE C 8 22.90 -24.57 8.49
N PHE C 9 23.02 -23.29 8.74
CA PHE C 9 24.35 -22.67 8.89
C PHE C 9 25.09 -23.23 10.11
N THR C 10 26.40 -23.32 10.04
CA THR C 10 27.26 -23.79 11.19
C THR C 10 28.34 -22.77 11.56
N ASN C 11 28.36 -21.56 10.96
CA ASN C 11 29.43 -20.63 11.26
C ASN C 11 29.30 -20.22 12.72
N HIS C 12 30.43 -20.22 13.43
CA HIS C 12 30.39 -19.82 14.83
CA HIS C 12 30.49 -19.77 14.82
C HIS C 12 29.99 -18.37 14.97
N PHE C 13 30.32 -17.51 14.01
CA PHE C 13 29.92 -16.12 14.12
C PHE C 13 28.44 -15.84 14.26
N PHE C 14 27.57 -16.74 13.80
CA PHE C 14 26.12 -16.52 13.95
C PHE C 14 25.75 -16.43 15.43
N ASP C 15 26.49 -17.12 16.27
CA ASP C 15 26.30 -17.03 17.73
C ASP C 15 26.83 -15.74 18.43
N THR C 16 27.77 -15.02 17.81
CA THR C 16 28.44 -13.88 18.40
C THR C 16 28.29 -12.69 17.45
N TYR C 17 29.32 -12.43 16.67
CA TYR C 17 29.37 -11.34 15.68
C TYR C 17 30.61 -11.61 14.84
N LEU C 18 30.63 -10.97 13.71
CA LEU C 18 31.75 -10.95 12.77
C LEU C 18 32.40 -9.56 12.82
N LEU C 19 33.70 -9.55 13.08
CA LEU C 19 34.48 -8.31 13.08
C LEU C 19 35.13 -8.07 11.74
N ILE C 20 34.84 -6.97 11.08
CA ILE C 20 35.53 -6.62 9.83
C ILE C 20 36.18 -5.24 9.90
N SER C 21 37.48 -5.21 9.63
CA SER C 21 38.22 -3.94 9.67
C SER C 21 37.78 -2.99 8.58
N GLU C 22 37.63 -1.70 8.87
CA GLU C 22 37.24 -0.79 7.76
C GLU C 22 38.25 -0.66 6.64
N ASP C 23 39.50 -1.04 6.83
CA ASP C 23 40.49 -1.00 5.72
C ASP C 23 40.51 -2.25 4.82
N THR C 24 39.66 -3.24 5.10
CA THR C 24 39.45 -4.39 4.21
C THR C 24 39.22 -3.85 2.79
N PRO C 25 40.03 -4.28 1.81
CA PRO C 25 39.78 -3.80 0.42
C PRO C 25 38.55 -4.42 -0.25
N VAL C 26 37.95 -3.62 -1.12
CA VAL C 26 36.88 -4.05 -1.99
C VAL C 26 37.29 -5.28 -2.77
N GLY C 27 36.43 -6.28 -2.76
CA GLY C 27 36.74 -7.55 -3.42
C GLY C 27 37.41 -8.60 -2.56
N SER C 28 37.85 -8.24 -1.35
CA SER C 28 38.46 -9.17 -0.43
C SER C 28 37.43 -10.08 0.10
N SER C 29 37.84 -11.27 0.41
CA SER C 29 36.88 -12.19 0.97
C SER C 29 36.81 -12.01 2.52
N VAL C 30 35.62 -11.76 3.07
CA VAL C 30 35.51 -11.43 4.52
C VAL C 30 35.18 -12.65 5.35
N THR C 31 34.55 -13.67 4.78
CA THR C 31 34.41 -14.95 5.44
C THR C 31 33.90 -15.95 4.39
N GLN C 32 33.64 -17.15 4.87
CA GLN C 32 32.99 -18.17 4.08
C GLN C 32 31.83 -18.82 4.87
N LEU C 33 30.63 -18.74 4.30
CA LEU C 33 29.45 -19.39 4.88
C LEU C 33 29.63 -20.90 4.90
N LEU C 34 29.21 -21.52 5.99
CA LEU C 34 29.30 -22.96 6.11
C LEU C 34 27.90 -23.47 6.45
N ALA C 35 27.44 -24.48 5.72
CA ALA C 35 26.12 -24.99 6.01
C ALA C 35 26.14 -26.52 5.93
N ARG C 36 25.24 -27.20 6.56
CA ARG C 36 25.16 -28.66 6.36
C ARG C 36 23.72 -29.05 5.98
N ASP C 37 23.54 -29.98 5.07
CA ASP C 37 22.24 -30.56 4.73
C ASP C 37 22.41 -32.02 4.87
N MET C 38 21.64 -32.71 5.69
CA MET C 38 21.85 -34.13 5.90
C MET C 38 21.47 -34.98 4.68
N ASP C 39 20.73 -34.42 3.72
CA ASP C 39 20.54 -35.09 2.43
C ASP C 39 21.81 -34.99 1.54
N ASN C 40 22.70 -34.06 1.88
CA ASN C 40 23.80 -33.62 1.10
C ASN C 40 23.32 -32.97 -0.23
N ASP C 41 22.16 -32.33 -0.19
CA ASP C 41 21.66 -31.57 -1.37
C ASP C 41 22.70 -30.50 -1.72
N PRO C 42 22.90 -30.23 -3.04
CA PRO C 42 23.59 -29.03 -3.47
C PRO C 42 22.97 -27.80 -2.81
N LEU C 43 23.82 -26.96 -2.27
CA LEU C 43 23.39 -25.80 -1.56
C LEU C 43 23.70 -24.51 -2.35
N VAL C 44 22.83 -23.53 -2.23
CA VAL C 44 23.04 -22.21 -2.84
C VAL C 44 22.99 -21.13 -1.79
N PHE C 45 24.06 -20.36 -1.70
CA PHE C 45 24.17 -19.29 -0.69
C PHE C 45 23.78 -17.96 -1.28
N GLY C 46 23.18 -17.09 -0.44
CA GLY C 46 22.75 -15.74 -0.81
C GLY C 46 22.87 -14.78 0.34
N VAL C 47 22.72 -13.50 0.00
CA VAL C 47 22.51 -12.39 0.90
C VAL C 47 21.18 -11.81 0.60
N SER C 48 20.52 -11.33 1.64
CA SER C 48 19.23 -10.67 1.50
C SER C 48 19.27 -9.35 2.21
N GLY C 49 18.49 -8.40 1.70
CA GLY C 49 18.40 -7.07 2.24
C GLY C 49 18.97 -6.10 1.23
N GLU C 50 18.38 -4.89 1.18
CA GLU C 50 18.84 -3.86 0.25
C GLU C 50 20.16 -3.34 0.77
N GLU C 51 20.20 -3.02 2.06
CA GLU C 51 21.44 -2.47 2.65
C GLU C 51 22.54 -3.53 2.54
N ALA C 52 22.27 -4.74 3.02
CA ALA C 52 23.29 -5.77 3.02
C ALA C 52 23.87 -6.10 1.63
N SER C 53 23.02 -6.27 0.61
CA SER C 53 23.48 -6.58 -0.77
C SER C 53 24.20 -5.43 -1.47
N ARG C 54 24.09 -4.21 -0.97
CA ARG C 54 24.98 -3.13 -1.44
C ARG C 54 26.40 -3.36 -0.95
N PHE C 55 26.57 -3.87 0.26
CA PHE C 55 27.92 -4.00 0.83
C PHE C 55 28.56 -5.37 0.59
N PHE C 56 27.79 -6.46 0.48
CA PHE C 56 28.37 -7.81 0.33
C PHE C 56 27.74 -8.64 -0.74
N ALA C 57 28.56 -9.48 -1.34
CA ALA C 57 28.14 -10.42 -2.29
C ALA C 57 28.61 -11.78 -1.75
N VAL C 58 27.94 -12.83 -2.22
CA VAL C 58 28.24 -14.19 -1.83
C VAL C 58 28.46 -15.04 -3.06
N GLU C 59 29.54 -15.81 -3.12
CA GLU C 59 29.61 -16.86 -4.16
C GLU C 59 28.56 -17.98 -3.84
N PRO C 60 27.60 -18.23 -4.75
CA PRO C 60 26.51 -19.18 -4.53
C PRO C 60 26.87 -20.67 -4.25
N ASP C 61 27.98 -21.20 -4.77
CA ASP C 61 28.35 -22.59 -4.52
C ASP C 61 29.33 -22.74 -3.36
N THR C 62 30.30 -21.85 -3.26
CA THR C 62 31.32 -21.93 -2.22
C THR C 62 30.88 -21.25 -0.90
N GLY C 63 30.00 -20.25 -1.01
CA GLY C 63 29.61 -19.37 0.11
C GLY C 63 30.64 -18.34 0.60
N VAL C 64 31.66 -18.09 -0.23
CA VAL C 64 32.64 -17.01 0.04
C VAL C 64 31.92 -15.65 -0.05
N VAL C 65 32.06 -14.83 0.98
CA VAL C 65 31.43 -13.55 1.09
C VAL C 65 32.52 -12.52 0.82
N TRP C 66 32.25 -11.60 -0.09
CA TRP C 66 33.22 -10.60 -0.57
CA TRP C 66 33.24 -10.56 -0.39
C TRP C 66 32.63 -9.21 -0.27
N LEU C 67 33.50 -8.24 -0.09
CA LEU C 67 33.07 -6.89 0.13
C LEU C 67 32.85 -6.14 -1.23
N ARG C 68 31.67 -5.56 -1.40
CA ARG C 68 31.28 -4.85 -2.66
C ARG C 68 31.70 -3.40 -2.70
N GLN C 69 31.94 -2.80 -1.56
CA GLN C 69 32.28 -1.38 -1.52
C GLN C 69 32.83 -1.12 -0.15
N PRO C 70 33.56 0.01 -0.01
CA PRO C 70 34.32 0.19 1.19
C PRO C 70 33.41 0.36 2.41
N LEU C 71 33.79 -0.29 3.52
CA LEU C 71 33.28 -0.02 4.86
C LEU C 71 33.87 1.30 5.32
N ASP C 72 33.17 2.01 6.19
CA ASP C 72 33.71 3.25 6.77
C ASP C 72 33.30 3.34 8.23
N ARG C 73 34.20 3.07 9.16
CA ARG C 73 33.78 3.05 10.60
C ARG C 73 33.14 4.40 11.06
N GLU C 74 33.60 5.51 10.49
CA GLU C 74 33.13 6.87 10.79
C GLU C 74 31.70 7.15 10.33
N THR C 75 31.20 6.40 9.38
CA THR C 75 29.83 6.52 8.93
C THR C 75 28.92 5.48 9.56
N LYS C 76 29.33 4.23 9.56
CA LYS C 76 28.50 3.18 10.11
C LYS C 76 29.39 2.05 10.61
N SER C 77 29.25 1.74 11.90
CA SER C 77 30.11 0.78 12.55
C SER C 77 29.46 -0.58 12.93
N GLU C 78 28.15 -0.72 12.68
CA GLU C 78 27.37 -1.95 12.98
CA GLU C 78 27.37 -1.92 13.00
C GLU C 78 26.38 -2.16 11.83
N PHE C 79 26.36 -3.38 11.29
CA PHE C 79 25.35 -3.80 10.30
C PHE C 79 24.73 -5.07 10.79
N THR C 80 23.49 -5.30 10.36
CA THR C 80 22.87 -6.61 10.48
C THR C 80 22.69 -7.16 9.09
N VAL C 81 23.16 -8.38 8.88
CA VAL C 81 23.15 -8.98 7.56
C VAL C 81 22.38 -10.30 7.66
N GLU C 82 21.48 -10.52 6.71
CA GLU C 82 20.72 -11.76 6.58
C GLU C 82 21.31 -12.56 5.45
N PHE C 83 21.86 -13.71 5.79
CA PHE C 83 22.34 -14.64 4.83
C PHE C 83 21.34 -15.79 4.63
N SER C 84 21.41 -16.40 3.44
CA SER C 84 20.52 -17.47 3.06
C SER C 84 21.28 -18.64 2.46
N VAL C 85 20.71 -19.82 2.69
CA VAL C 85 21.18 -21.05 2.16
C VAL C 85 19.95 -21.87 1.74
N SER C 86 20.07 -22.44 0.56
CA SER C 86 18.91 -23.09 -0.01
C SER C 86 19.29 -24.44 -0.58
N ASP C 87 18.43 -25.44 -0.35
CA ASP C 87 18.55 -26.70 -1.09
C ASP C 87 17.57 -26.81 -2.27
N HIS C 88 16.98 -25.67 -2.70
CA HIS C 88 15.97 -25.65 -3.81
C HIS C 88 14.64 -26.36 -3.43
N GLN C 89 14.36 -26.44 -2.13
CA GLN C 89 13.08 -26.83 -1.58
C GLN C 89 12.71 -25.97 -0.38
N GLY C 90 13.55 -25.01 -0.08
CA GLY C 90 13.49 -24.31 1.19
C GLY C 90 14.62 -23.31 1.19
N VAL C 91 14.30 -22.08 1.55
CA VAL C 91 15.30 -21.09 1.80
C VAL C 91 15.38 -20.87 3.34
N ILE C 92 16.53 -21.21 3.92
CA ILE C 92 16.82 -20.89 5.29
C ILE C 92 17.59 -19.53 5.37
N THR C 93 17.21 -18.68 6.30
CA THR C 93 17.92 -17.45 6.51
C THR C 93 18.42 -17.34 7.96
N ARG C 94 19.53 -16.66 8.12
CA ARG C 94 20.04 -16.37 9.42
C ARG C 94 20.81 -15.10 9.40
N LYS C 95 20.59 -14.33 10.48
CA LYS C 95 21.24 -13.05 10.71
C LYS C 95 22.57 -13.08 11.47
N VAL C 96 23.47 -12.19 11.06
CA VAL C 96 24.71 -11.97 11.76
C VAL C 96 24.84 -10.49 11.99
N ASN C 97 25.32 -10.17 13.19
CA ASN C 97 25.72 -8.85 13.54
C ASN C 97 27.18 -8.61 13.08
N ILE C 98 27.34 -7.56 12.28
CA ILE C 98 28.65 -7.18 11.75
C ILE C 98 29.13 -5.93 12.37
N GLN C 99 30.32 -6.04 12.95
CA GLN C 99 30.98 -4.98 13.67
C GLN C 99 32.17 -4.42 12.84
N VAL C 100 32.20 -3.11 12.61
CA VAL C 100 33.24 -2.54 11.80
C VAL C 100 34.37 -2.06 12.67
N GLY C 101 35.56 -2.57 12.41
CA GLY C 101 36.74 -2.21 13.19
C GLY C 101 37.35 -0.86 12.72
N ASP C 102 37.79 -0.07 13.66
CA ASP C 102 38.33 1.25 13.31
C ASP C 102 39.80 1.14 12.94
N VAL C 103 40.19 1.90 11.90
CA VAL C 103 41.64 2.22 11.76
C VAL C 103 41.81 3.68 11.81
N ASN C 104 43.04 4.06 12.12
CA ASN C 104 43.40 5.43 12.05
C ASN C 104 43.56 5.96 10.61
N ASP C 105 42.48 6.50 10.08
CA ASP C 105 42.45 6.93 8.70
C ASP C 105 42.08 8.39 8.50
N ASN C 106 41.99 9.18 9.54
CA ASN C 106 41.73 10.58 9.43
C ASN C 106 42.80 11.40 10.19
N ALA C 107 43.27 12.44 9.51
CA ALA C 107 44.12 13.43 10.18
C ALA C 107 43.21 14.42 10.88
N PRO C 108 43.69 15.09 11.93
CA PRO C 108 42.96 16.13 12.58
C PRO C 108 42.54 17.23 11.58
N THR C 109 41.43 17.91 11.85
CA THR C 109 41.00 19.08 11.00
C THR C 109 40.90 20.33 11.83
N PHE C 110 41.61 21.37 11.45
CA PHE C 110 41.51 22.61 12.27
C PHE C 110 40.21 23.33 12.02
N HIS C 111 39.70 24.04 13.02
CA HIS C 111 38.56 24.93 12.84
C HIS C 111 38.86 26.39 13.14
N ASN C 112 37.99 27.28 12.64
CA ASN C 112 38.06 28.72 12.84
C ASN C 112 39.32 29.38 12.27
N GLN C 113 39.89 28.83 11.20
CA GLN C 113 41.04 29.45 10.56
C GLN C 113 40.46 30.57 9.66
N PRO C 114 41.26 31.52 9.21
CA PRO C 114 42.68 31.66 9.48
C PRO C 114 42.94 32.09 10.92
N TYR C 115 44.14 31.80 11.42
CA TYR C 115 44.43 32.10 12.82
C TYR C 115 45.35 33.32 12.87
N SER C 116 44.93 34.32 13.65
CA SER C 116 45.55 35.66 13.64
C SER C 116 45.17 36.45 14.86
N VAL C 117 46.17 37.00 15.53
CA VAL C 117 45.93 37.68 16.79
C VAL C 117 46.90 38.84 16.99
N ARG C 118 46.36 39.96 17.42
CA ARG C 118 47.14 41.17 17.68
C ARG C 118 47.32 41.27 19.19
N ILE C 119 48.55 41.48 19.64
CA ILE C 119 48.78 41.63 21.08
C ILE C 119 49.73 42.76 21.33
N PRO C 120 49.65 43.38 22.52
CA PRO C 120 50.55 44.54 22.74
C PRO C 120 51.94 44.09 23.18
N GLU C 121 52.99 44.86 22.85
CA GLU C 121 54.37 44.47 23.22
C GLU C 121 54.54 44.24 24.71
N ASN C 122 53.72 44.87 25.54
CA ASN C 122 53.82 44.74 26.98
C ASN C 122 52.95 43.62 27.56
N THR C 123 52.62 42.59 26.76
CA THR C 123 51.78 41.49 27.22
C THR C 123 52.59 40.67 28.23
N PRO C 124 52.12 40.56 29.46
CA PRO C 124 52.96 39.78 30.39
C PRO C 124 53.22 38.30 30.03
N VAL C 125 54.37 37.83 30.45
CA VAL C 125 54.65 36.43 30.49
C VAL C 125 53.52 35.65 31.17
N GLY C 126 53.21 34.48 30.62
CA GLY C 126 52.13 33.64 31.14
C GLY C 126 50.73 33.97 30.63
N THR C 127 50.53 35.14 30.00
CA THR C 127 49.24 35.56 29.46
C THR C 127 48.73 34.59 28.36
N PRO C 128 47.46 34.11 28.48
CA PRO C 128 46.78 33.41 27.36
C PRO C 128 46.32 34.38 26.27
N ILE C 129 46.71 34.10 25.03
CA ILE C 129 46.46 35.00 23.91
C ILE C 129 45.60 34.48 22.77
N PHE C 130 45.44 33.15 22.68
CA PHE C 130 44.82 32.53 21.55
C PHE C 130 44.52 31.06 21.87
N ILE C 131 43.50 30.49 21.24
CA ILE C 131 43.16 29.07 21.35
C ILE C 131 42.92 28.48 19.96
N VAL C 132 43.76 27.53 19.58
CA VAL C 132 43.51 26.74 18.40
C VAL C 132 42.65 25.56 18.75
N ASN C 133 41.95 25.06 17.73
CA ASN C 133 41.09 23.91 17.84
C ASN C 133 41.14 22.98 16.62
N ALA C 134 41.36 21.69 16.88
CA ALA C 134 41.24 20.70 15.83
C ALA C 134 40.55 19.45 16.34
N THR C 135 39.76 18.78 15.49
CA THR C 135 39.05 17.55 15.87
C THR C 135 39.43 16.39 14.97
N ASP C 136 39.03 15.18 15.34
CA ASP C 136 39.57 13.95 14.68
C ASP C 136 38.64 12.82 15.08
N PRO C 137 37.96 12.27 14.07
CA PRO C 137 36.83 11.41 14.31
C PRO C 137 37.23 9.92 14.46
N ASP C 138 38.48 9.54 14.36
CA ASP C 138 38.86 8.15 14.65
C ASP C 138 38.65 7.82 16.11
N LEU C 139 38.58 6.53 16.39
CA LEU C 139 38.43 6.07 17.77
C LEU C 139 39.70 6.25 18.58
N GLY C 140 39.47 6.70 19.81
CA GLY C 140 40.38 6.45 20.94
C GLY C 140 41.59 7.34 20.76
N ALA C 141 42.75 6.73 20.93
CA ALA C 141 44.01 7.49 20.81
C ALA C 141 44.14 8.09 19.42
N GLY C 142 43.65 7.35 18.42
CA GLY C 142 43.55 7.81 17.08
C GLY C 142 42.73 9.09 16.81
N GLY C 143 41.87 9.46 17.76
CA GLY C 143 41.01 10.62 17.65
C GLY C 143 41.27 11.65 18.70
N SER C 144 42.34 11.51 19.48
CA SER C 144 42.70 12.39 20.60
C SER C 144 43.84 13.34 20.14
N VAL C 145 43.56 14.61 20.04
CA VAL C 145 44.46 15.55 19.37
C VAL C 145 45.47 16.16 20.35
N LEU C 146 46.77 16.19 20.01
CA LEU C 146 47.79 17.03 20.74
C LEU C 146 48.33 18.18 19.89
N TYR C 147 48.48 19.35 20.52
CA TYR C 147 48.95 20.55 19.82
C TYR C 147 50.43 20.81 20.14
N SER C 148 51.19 21.27 19.15
CA SER C 148 52.54 21.80 19.37
C SER C 148 52.88 22.82 18.31
N PHE C 149 53.99 23.54 18.54
CA PHE C 149 54.54 24.46 17.56
C PHE C 149 55.65 23.74 16.89
N GLN C 150 55.74 23.82 15.55
CA GLN C 150 56.86 23.22 14.80
C GLN C 150 57.67 24.29 14.10
N PRO C 151 58.87 24.62 14.57
CA PRO C 151 59.46 24.11 15.82
C PRO C 151 58.93 24.89 17.02
N PRO C 152 59.26 24.48 18.22
CA PRO C 152 58.90 25.27 19.38
C PRO C 152 59.43 26.70 19.28
N SER C 153 58.73 27.62 19.93
CA SER C 153 59.07 29.04 19.90
C SER C 153 59.57 29.43 21.31
N PRO C 154 60.72 30.15 21.40
CA PRO C 154 61.08 30.77 22.67
C PRO C 154 60.16 31.91 23.12
N PHE C 155 59.24 32.39 22.28
CA PHE C 155 58.37 33.48 22.67
C PHE C 155 56.94 33.07 23.06
N PHE C 156 56.47 31.91 22.59
CA PHE C 156 55.10 31.41 22.79
C PHE C 156 55.07 29.91 23.02
N ALA C 157 54.21 29.44 23.93
CA ALA C 157 53.99 28.03 24.15
C ALA C 157 52.54 27.70 23.78
N ILE C 158 52.29 26.43 23.51
CA ILE C 158 50.93 25.94 23.32
C ILE C 158 50.68 24.73 24.18
N ASP C 159 49.57 24.79 24.92
CA ASP C 159 49.19 23.71 25.74
C ASP C 159 48.84 22.51 24.87
N SER C 160 49.49 21.36 25.12
CA SER C 160 49.36 20.22 24.25
C SER C 160 47.94 19.65 24.17
N ALA C 161 47.19 19.74 25.26
CA ALA C 161 45.87 19.20 25.30
C ALA C 161 44.82 20.24 24.95
N ARG C 162 45.00 21.48 25.37
CA ARG C 162 43.91 22.48 25.26
C ARG C 162 44.06 23.46 24.12
N GLY C 163 45.23 23.53 23.54
CA GLY C 163 45.48 24.39 22.40
C GLY C 163 45.47 25.88 22.76
N ILE C 164 45.76 26.19 24.02
CA ILE C 164 45.83 27.61 24.48
C ILE C 164 47.28 28.06 24.29
N VAL C 165 47.42 29.16 23.56
CA VAL C 165 48.69 29.86 23.37
C VAL C 165 49.00 30.88 24.45
N THR C 166 50.18 30.75 25.06
CA THR C 166 50.70 31.72 26.07
C THR C 166 52.02 32.38 25.66
N VAL C 167 52.23 33.57 26.22
CA VAL C 167 53.46 34.30 26.00
C VAL C 167 54.40 33.71 27.03
N ILE C 168 55.60 33.33 26.64
CA ILE C 168 56.55 32.82 27.62
C ILE C 168 57.83 33.65 27.73
N GLN C 169 57.92 34.68 26.88
CA GLN C 169 59.05 35.61 26.87
C GLN C 169 58.57 37.03 26.57
N GLU C 170 59.19 37.96 27.27
CA GLU C 170 58.96 39.37 27.03
C GLU C 170 59.10 39.67 25.55
N LEU C 171 58.14 40.36 24.99
CA LEU C 171 58.20 40.74 23.58
C LEU C 171 58.98 42.04 23.39
N ASP C 172 59.33 42.35 22.14
CA ASP C 172 59.96 43.61 21.80
C ASP C 172 59.62 43.99 20.38
N TYR C 173 58.69 44.92 20.22
CA TYR C 173 58.27 45.42 18.91
C TYR C 173 59.45 45.74 17.99
N GLU C 174 60.46 46.45 18.53
CA GLU C 174 61.66 46.88 17.77
C GLU C 174 62.45 45.68 17.21
N VAL C 175 62.54 44.58 17.97
CA VAL C 175 63.22 43.37 17.50
C VAL C 175 62.35 42.70 16.44
N THR C 176 61.11 42.35 16.80
CA THR C 176 60.20 41.55 15.96
C THR C 176 58.78 42.11 16.00
N GLN C 177 58.25 42.34 14.80
CA GLN C 177 56.91 42.94 14.63
C GLN C 177 55.76 41.89 14.48
N ALA C 178 56.14 40.68 14.03
CA ALA C 178 55.18 39.66 13.64
C ALA C 178 55.82 38.27 13.72
N TYR C 179 55.10 37.27 14.19
CA TYR C 179 55.59 35.90 14.11
C TYR C 179 54.65 35.10 13.27
N GLN C 180 55.21 34.20 12.46
CA GLN C 180 54.43 33.23 11.74
C GLN C 180 54.83 31.86 12.33
N LEU C 181 53.94 31.29 13.14
CA LEU C 181 54.18 30.02 13.77
C LEU C 181 53.37 28.96 13.08
N THR C 182 53.87 27.76 13.08
CA THR C 182 53.19 26.61 12.51
C THR C 182 52.73 25.72 13.67
N VAL C 183 51.43 25.50 13.75
CA VAL C 183 50.81 24.71 14.79
C VAL C 183 50.61 23.31 14.16
N ASN C 184 51.10 22.31 14.86
CA ASN C 184 50.88 20.93 14.45
C ASN C 184 49.80 20.40 15.38
N ALA C 185 48.77 19.81 14.77
CA ALA C 185 47.78 19.01 15.50
C ALA C 185 47.93 17.58 15.06
N THR C 186 48.23 16.70 16.01
CA THR C 186 48.42 15.27 15.71
C THR C 186 47.49 14.44 16.53
N ASP C 187 47.00 13.35 15.96
CA ASP C 187 46.38 12.33 16.79
C ASP C 187 47.49 11.50 17.47
N GLN C 188 47.08 10.55 18.33
CA GLN C 188 48.01 9.80 19.13
C GLN C 188 48.01 8.33 18.84
N ASP C 189 47.70 7.95 17.62
CA ASP C 189 47.66 6.58 17.31
C ASP C 189 49.06 5.97 17.55
N LYS C 190 49.10 4.85 18.26
CA LYS C 190 50.37 4.21 18.64
C LYS C 190 51.33 4.03 17.49
N THR C 191 50.90 3.48 16.37
CA THR C 191 51.82 3.08 15.27
C THR C 191 51.70 3.94 14.02
N ARG C 192 50.54 4.56 13.81
CA ARG C 192 50.34 5.37 12.61
C ARG C 192 49.67 6.72 12.92
N PRO C 193 50.35 7.56 13.67
CA PRO C 193 49.79 8.84 13.96
C PRO C 193 49.70 9.67 12.67
N LEU C 194 48.69 10.51 12.62
CA LEU C 194 48.48 11.41 11.52
C LEU C 194 48.37 12.82 12.10
N SER C 195 48.97 13.75 11.42
CA SER C 195 48.92 15.10 11.85
C SER C 195 48.67 16.08 10.69
N THR C 196 48.45 17.32 11.04
CA THR C 196 48.02 18.32 10.13
C THR C 196 48.59 19.68 10.61
N LEU C 197 48.85 20.59 9.69
CA LEU C 197 49.49 21.82 10.05
C LEU C 197 48.57 23.00 9.80
N ALA C 198 48.79 24.07 10.58
CA ALA C 198 48.07 25.32 10.47
C ALA C 198 48.98 26.47 10.83
N ASN C 199 48.74 27.60 10.17
CA ASN C 199 49.47 28.83 10.43
C ASN C 199 48.80 29.70 11.48
N LEU C 200 49.62 30.21 12.41
CA LEU C 200 49.26 31.14 13.43
C LEU C 200 50.13 32.38 13.28
N ALA C 201 49.48 33.51 12.98
CA ALA C 201 50.11 34.84 12.90
C ALA C 201 49.88 35.62 14.19
N ILE C 202 50.97 36.11 14.74
CA ILE C 202 50.93 36.89 15.91
C ILE C 202 51.55 38.22 15.55
N ILE C 203 50.74 39.26 15.68
CA ILE C 203 51.09 40.60 15.25
C ILE C 203 51.25 41.42 16.53
N ILE C 204 52.41 42.04 16.66
CA ILE C 204 52.76 42.83 17.82
C ILE C 204 52.41 44.33 17.61
N THR C 205 51.92 44.94 18.68
CA THR C 205 51.57 46.36 18.70
C THR C 205 52.26 47.05 19.88
N GLN D 2 -9.26 34.34 -5.36
CA GLN D 2 -8.84 35.76 -5.16
C GLN D 2 -10.08 36.69 -5.19
N VAL D 3 -10.68 36.87 -6.38
CA VAL D 3 -11.88 37.70 -6.53
C VAL D 3 -13.11 36.91 -6.92
N ASN D 4 -12.99 35.60 -6.94
CA ASN D 4 -14.07 34.78 -7.38
C ASN D 4 -13.94 33.33 -6.98
N ARG D 5 -15.06 32.79 -6.50
CA ARG D 5 -15.19 31.42 -6.19
C ARG D 5 -16.17 30.83 -7.23
N LEU D 6 -15.74 29.73 -7.82
CA LEU D 6 -16.56 29.10 -8.84
C LEU D 6 -17.77 28.42 -8.19
N PRO D 7 -18.88 28.36 -8.94
CA PRO D 7 -20.08 27.71 -8.42
C PRO D 7 -19.95 26.19 -8.47
N PHE D 8 -20.78 25.53 -7.68
CA PHE D 8 -20.84 24.08 -7.65
C PHE D 8 -22.28 23.60 -7.56
N PHE D 9 -22.57 22.46 -8.22
CA PHE D 9 -23.89 21.81 -8.18
C PHE D 9 -24.10 21.20 -6.79
N THR D 10 -25.34 21.16 -6.32
CA THR D 10 -25.65 20.53 -5.06
C THR D 10 -26.71 19.46 -5.20
N ASN D 11 -27.19 19.11 -6.39
CA ASN D 11 -28.17 17.99 -6.45
C ASN D 11 -27.56 16.71 -5.97
N HIS D 12 -28.30 16.03 -5.09
CA HIS D 12 -27.91 14.72 -4.60
CA HIS D 12 -27.95 14.67 -4.62
C HIS D 12 -27.79 13.73 -5.80
N PHE D 13 -28.60 13.88 -6.85
CA PHE D 13 -28.50 12.90 -7.95
C PHE D 13 -27.10 12.72 -8.63
N PHE D 14 -26.27 13.74 -8.52
CA PHE D 14 -24.92 13.71 -9.04
C PHE D 14 -24.04 12.63 -8.37
N ASP D 15 -24.31 12.30 -7.12
CA ASP D 15 -23.54 11.27 -6.39
C ASP D 15 -24.18 9.90 -6.56
N THR D 16 -25.38 9.83 -7.15
CA THR D 16 -26.01 8.58 -7.42
C THR D 16 -26.43 8.49 -8.87
N TYR D 17 -27.71 8.73 -9.10
CA TYR D 17 -28.25 8.80 -10.42
C TYR D 17 -29.62 9.47 -10.38
N LEU D 18 -30.09 9.83 -11.56
CA LEU D 18 -31.38 10.46 -11.74
C LEU D 18 -32.27 9.46 -12.43
N LEU D 19 -33.41 9.17 -11.83
CA LEU D 19 -34.35 8.16 -12.31
C LEU D 19 -35.45 8.86 -13.08
N ILE D 20 -35.66 8.47 -14.32
CA ILE D 20 -36.77 9.02 -15.12
C ILE D 20 -37.60 7.87 -15.68
N SER D 21 -38.89 7.87 -15.39
CA SER D 21 -39.82 6.89 -15.98
C SER D 21 -39.88 7.02 -17.50
N GLU D 22 -39.88 5.89 -18.20
CA GLU D 22 -39.99 5.99 -19.66
C GLU D 22 -41.30 6.64 -20.15
N ASP D 23 -42.36 6.66 -19.32
CA ASP D 23 -43.65 7.15 -19.74
C ASP D 23 -43.78 8.66 -19.47
N THR D 24 -42.68 9.26 -19.01
CA THR D 24 -42.57 10.71 -18.83
C THR D 24 -43.02 11.51 -20.12
N PRO D 25 -44.09 12.23 -20.01
CA PRO D 25 -44.50 13.01 -21.21
C PRO D 25 -43.42 14.03 -21.67
N VAL D 26 -43.22 14.12 -22.97
CA VAL D 26 -42.50 15.23 -23.58
C VAL D 26 -43.11 16.58 -23.08
N GLY D 27 -42.26 17.55 -22.81
CA GLY D 27 -42.68 18.76 -22.11
C GLY D 27 -42.64 18.75 -20.58
N SER D 28 -42.55 17.56 -19.93
CA SER D 28 -42.55 17.49 -18.47
C SER D 28 -41.20 17.95 -18.00
N SER D 29 -41.10 18.53 -16.82
CA SER D 29 -39.83 18.81 -16.25
C SER D 29 -39.34 17.55 -15.50
N VAL D 30 -38.07 17.20 -15.64
CA VAL D 30 -37.58 15.99 -15.02
C VAL D 30 -36.73 16.23 -13.75
N THR D 31 -36.29 17.46 -13.58
CA THR D 31 -35.65 17.87 -12.35
C THR D 31 -35.38 19.37 -12.41
N GLN D 32 -34.82 19.89 -11.34
CA GLN D 32 -34.27 21.21 -11.40
C GLN D 32 -32.82 21.19 -10.90
N LEU D 33 -31.93 21.72 -11.72
CA LEU D 33 -30.57 21.89 -11.31
C LEU D 33 -30.44 22.95 -10.18
N LEU D 34 -29.64 22.60 -9.16
CA LEU D 34 -29.34 23.41 -8.00
C LEU D 34 -27.82 23.61 -7.88
N ALA D 35 -27.40 24.83 -7.74
CA ALA D 35 -25.98 25.14 -7.56
C ALA D 35 -25.84 26.30 -6.59
N ARG D 36 -24.65 26.44 -6.03
CA ARG D 36 -24.34 27.51 -5.07
C ARG D 36 -23.12 28.24 -5.54
N ASP D 37 -23.10 29.53 -5.28
CA ASP D 37 -21.97 30.36 -5.58
C ASP D 37 -21.71 31.24 -4.35
N MET D 38 -20.59 31.01 -3.69
CA MET D 38 -20.32 31.72 -2.44
C MET D 38 -20.25 33.25 -2.59
N ASP D 39 -19.94 33.78 -3.77
CA ASP D 39 -20.00 35.25 -4.01
C ASP D 39 -21.43 35.77 -4.26
N ASN D 40 -22.42 34.87 -4.17
CA ASN D 40 -23.81 35.07 -4.62
C ASN D 40 -23.91 35.64 -6.02
N ASP D 41 -22.96 35.26 -6.87
CA ASP D 41 -23.04 35.60 -8.28
C ASP D 41 -24.29 34.97 -8.90
N PRO D 42 -24.95 35.69 -9.84
CA PRO D 42 -26.04 35.05 -10.54
C PRO D 42 -25.46 33.95 -11.44
N LEU D 43 -26.23 32.87 -11.61
CA LEU D 43 -25.76 31.67 -12.27
C LEU D 43 -26.55 31.33 -13.52
N VAL D 44 -25.85 30.77 -14.50
CA VAL D 44 -26.49 30.27 -15.72
C VAL D 44 -26.23 28.77 -15.86
N PHE D 45 -27.29 28.07 -16.23
CA PHE D 45 -27.33 26.60 -16.31
C PHE D 45 -27.47 26.23 -17.76
N GLY D 46 -26.79 25.15 -18.17
CA GLY D 46 -26.98 24.55 -19.48
C GLY D 46 -26.68 23.06 -19.55
N VAL D 47 -26.74 22.56 -20.77
CA VAL D 47 -26.52 21.16 -21.06
C VAL D 47 -25.60 21.11 -22.26
N SER D 48 -24.75 20.08 -22.33
CA SER D 48 -23.83 19.86 -23.45
C SER D 48 -23.73 18.42 -23.86
N GLY D 49 -23.26 18.26 -25.10
CA GLY D 49 -23.21 17.01 -25.81
C GLY D 49 -24.40 16.90 -26.73
N GLU D 50 -24.21 16.17 -27.83
CA GLU D 50 -25.19 16.08 -28.90
C GLU D 50 -26.45 15.26 -28.46
N GLU D 51 -26.29 14.07 -27.89
CA GLU D 51 -27.43 13.29 -27.38
C GLU D 51 -28.16 14.00 -26.23
N ALA D 52 -27.40 14.49 -25.26
CA ALA D 52 -28.00 15.17 -24.14
C ALA D 52 -28.83 16.43 -24.62
N SER D 53 -28.26 17.23 -25.51
CA SER D 53 -28.98 18.43 -26.00
C SER D 53 -30.27 18.08 -26.74
N ARG D 54 -30.25 16.98 -27.50
CA ARG D 54 -31.42 16.47 -28.18
C ARG D 54 -32.53 16.08 -27.19
N PHE D 55 -32.18 15.49 -26.03
CA PHE D 55 -33.19 14.95 -25.12
C PHE D 55 -33.64 15.94 -24.06
N PHE D 56 -32.78 16.87 -23.68
CA PHE D 56 -33.07 17.74 -22.53
C PHE D 56 -32.86 19.21 -22.81
N ALA D 57 -33.80 20.02 -22.38
CA ALA D 57 -33.65 21.47 -22.44
C ALA D 57 -33.47 21.97 -21.02
N VAL D 58 -32.67 23.03 -20.86
CA VAL D 58 -32.39 23.60 -19.60
C VAL D 58 -32.77 25.08 -19.61
N GLU D 59 -33.65 25.47 -18.70
CA GLU D 59 -33.92 26.89 -18.45
C GLU D 59 -32.63 27.55 -17.85
N PRO D 60 -31.98 28.45 -18.61
CA PRO D 60 -30.68 28.99 -18.18
C PRO D 60 -30.69 29.67 -16.83
N ASP D 61 -31.79 30.32 -16.45
CA ASP D 61 -31.82 30.99 -15.15
C ASP D 61 -32.33 30.12 -13.96
N THR D 62 -33.42 29.42 -14.16
CA THR D 62 -34.02 28.62 -13.10
C THR D 62 -33.34 27.24 -12.95
N GLY D 63 -32.74 26.75 -14.03
CA GLY D 63 -32.15 25.39 -14.03
C GLY D 63 -33.15 24.26 -14.17
N VAL D 64 -34.40 24.57 -14.52
CA VAL D 64 -35.42 23.57 -14.73
C VAL D 64 -35.04 22.80 -16.00
N VAL D 65 -35.10 21.49 -15.92
CA VAL D 65 -34.72 20.64 -17.02
C VAL D 65 -35.99 20.01 -17.54
N TRP D 66 -36.14 20.01 -18.84
CA TRP D 66 -37.35 19.57 -19.48
C TRP D 66 -37.01 18.45 -20.44
N LEU D 67 -37.91 17.52 -20.63
CA LEU D 67 -37.67 16.41 -21.55
C LEU D 67 -38.16 16.81 -22.94
N ARG D 68 -37.30 16.67 -23.94
CA ARG D 68 -37.57 17.10 -25.34
C ARG D 68 -38.02 15.95 -26.23
N GLN D 69 -37.61 14.71 -25.92
CA GLN D 69 -37.96 13.55 -26.78
C GLN D 69 -38.45 12.41 -25.92
N PRO D 70 -39.26 11.51 -26.48
CA PRO D 70 -39.73 10.40 -25.65
C PRO D 70 -38.60 9.46 -25.23
N LEU D 71 -38.66 9.01 -23.99
CA LEU D 71 -37.78 7.90 -23.56
C LEU D 71 -38.40 6.56 -23.95
N ASP D 72 -37.55 5.54 -24.02
CA ASP D 72 -38.04 4.20 -24.28
C ASP D 72 -37.02 3.25 -23.67
N ARG D 73 -37.37 2.72 -22.51
CA ARG D 73 -36.53 1.76 -21.82
C ARG D 73 -36.04 0.56 -22.72
N GLU D 74 -36.92 0.07 -23.59
CA GLU D 74 -36.68 -1.05 -24.53
C GLU D 74 -35.64 -0.67 -25.59
N THR D 75 -35.48 0.62 -25.87
CA THR D 75 -34.39 1.12 -26.76
C THR D 75 -33.10 1.52 -26.01
N LYS D 76 -33.18 2.42 -25.03
CA LYS D 76 -31.99 2.83 -24.28
C LYS D 76 -32.42 3.12 -22.84
N SER D 77 -31.77 2.50 -21.85
CA SER D 77 -32.20 2.65 -20.43
C SER D 77 -31.22 3.40 -19.53
N GLU D 78 -30.09 3.83 -20.07
CA GLU D 78 -29.03 4.58 -19.35
CA GLU D 78 -29.00 4.51 -19.35
C GLU D 78 -28.44 5.64 -20.28
N PHE D 79 -28.36 6.87 -19.79
CA PHE D 79 -27.72 8.00 -20.53
C PHE D 79 -26.71 8.61 -19.61
N THR D 80 -25.58 9.05 -20.13
CA THR D 80 -24.71 9.97 -19.41
C THR D 80 -24.96 11.37 -20.00
N VAL D 81 -25.30 12.35 -19.14
CA VAL D 81 -25.66 13.72 -19.56
C VAL D 81 -24.73 14.73 -18.83
N GLU D 82 -24.15 15.67 -19.59
CA GLU D 82 -23.27 16.68 -19.00
C GLU D 82 -24.03 18.00 -18.84
N PHE D 83 -24.27 18.43 -17.60
CA PHE D 83 -24.90 19.69 -17.27
C PHE D 83 -23.80 20.69 -16.88
N SER D 84 -24.08 21.97 -17.08
CA SER D 84 -23.12 23.07 -16.81
C SER D 84 -23.71 24.13 -15.92
N VAL D 85 -22.87 24.76 -15.10
CA VAL D 85 -23.25 25.96 -14.41
C VAL D 85 -22.11 26.94 -14.52
N SER D 86 -22.49 28.23 -14.70
CA SER D 86 -21.51 29.30 -14.79
C SER D 86 -21.93 30.59 -14.07
N ASP D 87 -20.95 31.25 -13.47
CA ASP D 87 -21.10 32.64 -12.90
C ASP D 87 -20.51 33.68 -13.83
N HIS D 88 -20.43 33.31 -15.10
CA HIS D 88 -19.79 34.10 -16.16
C HIS D 88 -18.26 34.32 -16.03
N GLN D 89 -17.56 33.61 -15.15
CA GLN D 89 -16.08 33.63 -15.11
C GLN D 89 -15.50 32.22 -15.14
N GLY D 90 -16.16 31.34 -15.88
CA GLY D 90 -15.85 29.91 -15.90
C GLY D 90 -17.09 29.05 -15.94
N VAL D 91 -16.97 27.95 -16.66
CA VAL D 91 -18.02 26.95 -16.85
C VAL D 91 -17.66 25.66 -16.12
N ILE D 92 -18.46 25.31 -15.13
CA ILE D 92 -18.26 24.09 -14.42
C ILE D 92 -19.22 23.10 -15.04
N THR D 93 -18.71 21.95 -15.43
CA THR D 93 -19.56 20.90 -15.97
C THR D 93 -19.57 19.75 -14.98
N ARG D 94 -20.71 19.09 -14.94
CA ARG D 94 -20.82 17.87 -14.15
C ARG D 94 -21.75 16.89 -14.84
N LYS D 95 -21.32 15.63 -14.89
CA LYS D 95 -22.10 14.52 -15.51
C LYS D 95 -23.04 13.79 -14.57
N VAL D 96 -24.18 13.36 -15.08
CA VAL D 96 -25.15 12.65 -14.30
C VAL D 96 -25.50 11.41 -15.10
N ASN D 97 -25.63 10.32 -14.35
CA ASN D 97 -26.04 9.06 -14.92
C ASN D 97 -27.55 9.05 -14.78
N ILE D 98 -28.21 8.92 -15.90
CA ILE D 98 -29.66 8.92 -15.95
C ILE D 98 -30.19 7.52 -16.22
N GLN D 99 -31.10 7.04 -15.39
CA GLN D 99 -31.56 5.65 -15.49
C GLN D 99 -32.98 5.74 -15.87
N VAL D 100 -33.39 4.96 -16.84
CA VAL D 100 -34.77 5.08 -17.39
C VAL D 100 -35.59 3.98 -16.76
N GLY D 101 -36.61 4.38 -16.00
CA GLY D 101 -37.55 3.41 -15.38
C GLY D 101 -38.47 2.68 -16.38
N ASP D 102 -38.51 1.35 -16.25
CA ASP D 102 -39.39 0.54 -17.11
C ASP D 102 -40.82 0.67 -16.64
N VAL D 103 -41.73 0.88 -17.57
CA VAL D 103 -43.16 0.56 -17.33
C VAL D 103 -43.56 -0.60 -18.19
N ASN D 104 -44.68 -1.24 -17.82
CA ASN D 104 -45.22 -2.29 -18.67
C ASN D 104 -45.97 -1.73 -19.85
N ASP D 105 -45.30 -1.58 -20.98
CA ASP D 105 -45.93 -0.91 -22.15
C ASP D 105 -45.90 -1.76 -23.40
N ASN D 106 -45.63 -3.05 -23.27
CA ASN D 106 -45.67 -3.87 -24.44
C ASN D 106 -46.44 -5.09 -24.10
N ALA D 107 -47.33 -5.45 -25.00
CA ALA D 107 -47.97 -6.76 -24.94
C ALA D 107 -47.09 -7.84 -25.61
N PRO D 108 -47.32 -9.13 -25.28
CA PRO D 108 -46.54 -10.16 -26.03
C PRO D 108 -46.89 -10.19 -27.52
N THR D 109 -45.91 -10.58 -28.32
CA THR D 109 -46.08 -10.72 -29.76
C THR D 109 -45.76 -12.21 -30.05
N PHE D 110 -46.71 -12.89 -30.66
CA PHE D 110 -46.54 -14.25 -31.17
C PHE D 110 -45.61 -14.34 -32.38
N HIS D 111 -44.91 -15.46 -32.45
CA HIS D 111 -44.01 -15.76 -33.58
C HIS D 111 -44.46 -17.04 -34.28
N ASN D 112 -44.11 -17.16 -35.58
CA ASN D 112 -44.36 -18.32 -36.43
C ASN D 112 -45.82 -18.62 -36.71
N GLN D 113 -46.62 -17.56 -36.68
CA GLN D 113 -48.01 -17.67 -37.14
C GLN D 113 -48.04 -17.68 -38.67
N PRO D 114 -49.07 -18.24 -39.29
CA PRO D 114 -50.23 -18.79 -38.60
C PRO D 114 -49.94 -20.21 -38.01
N TYR D 115 -50.80 -20.60 -37.06
CA TYR D 115 -50.63 -21.75 -36.23
C TYR D 115 -51.65 -22.82 -36.65
N SER D 116 -51.16 -23.83 -37.37
CA SER D 116 -52.02 -24.94 -37.79
C SER D 116 -51.28 -26.28 -37.73
N VAL D 117 -51.96 -27.36 -37.34
CA VAL D 117 -51.32 -28.69 -37.28
C VAL D 117 -52.38 -29.79 -37.49
N ARG D 118 -52.04 -30.75 -38.33
CA ARG D 118 -52.85 -31.95 -38.54
C ARG D 118 -52.29 -33.04 -37.61
N ILE D 119 -53.18 -33.70 -36.87
CA ILE D 119 -52.88 -34.88 -36.11
C ILE D 119 -53.88 -36.05 -36.39
N PRO D 120 -53.36 -37.27 -36.43
CA PRO D 120 -54.30 -38.38 -36.63
C PRO D 120 -55.32 -38.51 -35.47
N GLU D 121 -56.55 -38.92 -35.78
CA GLU D 121 -57.62 -39.26 -34.78
C GLU D 121 -57.14 -40.16 -33.61
N ASN D 122 -56.22 -41.05 -33.92
CA ASN D 122 -55.70 -41.99 -32.93
C ASN D 122 -54.56 -41.46 -32.03
N THR D 123 -54.22 -40.14 -32.05
CA THR D 123 -53.08 -39.59 -31.28
C THR D 123 -53.28 -39.86 -29.77
N PRO D 124 -52.35 -40.56 -29.10
CA PRO D 124 -52.59 -40.88 -27.67
C PRO D 124 -52.50 -39.68 -26.70
N VAL D 125 -53.25 -39.75 -25.60
CA VAL D 125 -53.18 -38.81 -24.47
C VAL D 125 -51.76 -38.57 -23.95
N GLY D 126 -51.43 -37.31 -23.64
CA GLY D 126 -50.08 -36.97 -23.18
C GLY D 126 -49.13 -36.63 -24.30
N THR D 127 -49.63 -36.66 -25.55
CA THR D 127 -48.78 -36.45 -26.73
C THR D 127 -48.54 -34.95 -27.03
N PRO D 128 -47.25 -34.51 -27.02
CA PRO D 128 -46.99 -33.11 -27.46
C PRO D 128 -47.18 -32.95 -28.97
N ILE D 129 -48.01 -32.02 -29.36
CA ILE D 129 -48.28 -31.83 -30.78
C ILE D 129 -47.93 -30.46 -31.36
N PHE D 130 -47.69 -29.46 -30.51
CA PHE D 130 -47.46 -28.11 -31.00
C PHE D 130 -46.76 -27.22 -29.97
N ILE D 131 -45.99 -26.26 -30.47
CA ILE D 131 -45.31 -25.29 -29.61
C ILE D 131 -45.66 -23.92 -30.19
N VAL D 132 -46.41 -23.16 -29.40
CA VAL D 132 -46.50 -21.67 -29.60
C VAL D 132 -45.34 -20.95 -28.93
N ASN D 133 -45.01 -19.82 -29.51
CA ASN D 133 -44.05 -18.92 -28.90
C ASN D 133 -44.52 -17.46 -28.99
N ALA D 134 -44.45 -16.75 -27.87
CA ALA D 134 -44.55 -15.26 -27.92
C ALA D 134 -43.46 -14.68 -27.02
N THR D 135 -43.08 -13.43 -27.32
CA THR D 135 -42.06 -12.71 -26.58
C THR D 135 -42.59 -11.33 -26.20
N ASP D 136 -41.94 -10.77 -25.16
CA ASP D 136 -42.33 -9.56 -24.53
C ASP D 136 -41.04 -8.89 -24.07
N PRO D 137 -40.81 -7.59 -24.48
CA PRO D 137 -39.55 -6.90 -24.11
C PRO D 137 -39.51 -6.12 -22.76
N ASP D 138 -40.59 -6.09 -22.02
CA ASP D 138 -40.56 -5.45 -20.75
C ASP D 138 -39.68 -6.19 -19.69
N LEU D 139 -39.25 -5.45 -18.66
CA LEU D 139 -38.48 -6.03 -17.58
C LEU D 139 -39.29 -6.92 -16.65
N GLY D 140 -38.64 -8.03 -16.23
CA GLY D 140 -39.09 -8.78 -15.06
C GLY D 140 -40.40 -9.41 -15.38
N ALA D 141 -41.32 -9.38 -14.44
CA ALA D 141 -42.64 -9.96 -14.61
C ALA D 141 -43.45 -9.44 -15.78
N GLY D 142 -43.27 -8.17 -16.15
CA GLY D 142 -43.98 -7.61 -17.30
C GLY D 142 -43.42 -8.12 -18.63
N GLY D 143 -42.27 -8.81 -18.59
CA GLY D 143 -41.74 -9.47 -19.75
C GLY D 143 -41.74 -11.00 -19.78
N SER D 144 -42.43 -11.64 -18.83
CA SER D 144 -42.47 -13.11 -18.70
C SER D 144 -43.83 -13.59 -19.17
N VAL D 145 -43.81 -14.44 -20.20
CA VAL D 145 -45.03 -14.88 -20.89
C VAL D 145 -45.58 -16.13 -20.25
N LEU D 146 -46.87 -16.11 -19.93
CA LEU D 146 -47.67 -17.27 -19.66
C LEU D 146 -48.63 -17.49 -20.79
N TYR D 147 -48.79 -18.76 -21.13
CA TYR D 147 -49.69 -19.23 -22.20
C TYR D 147 -50.89 -19.99 -21.60
N SER D 148 -52.07 -19.81 -22.16
CA SER D 148 -53.28 -20.51 -21.70
C SER D 148 -54.24 -20.61 -22.86
N PHE D 149 -55.24 -21.47 -22.73
CA PHE D 149 -56.29 -21.55 -23.70
C PHE D 149 -57.46 -20.76 -23.12
N GLN D 150 -58.15 -20.05 -24.01
CA GLN D 150 -59.33 -19.27 -23.69
C GLN D 150 -60.57 -19.68 -24.48
N PRO D 151 -61.46 -20.49 -23.92
CA PRO D 151 -61.33 -21.12 -22.65
C PRO D 151 -60.54 -22.37 -22.79
N PRO D 152 -60.20 -23.01 -21.66
CA PRO D 152 -59.57 -24.35 -21.69
C PRO D 152 -60.37 -25.32 -22.53
N SER D 153 -59.66 -26.23 -23.20
CA SER D 153 -60.27 -27.28 -23.99
C SER D 153 -60.30 -28.53 -23.13
N PRO D 154 -61.44 -29.25 -23.14
CA PRO D 154 -61.42 -30.57 -22.54
C PRO D 154 -60.48 -31.58 -23.25
N PHE D 155 -60.12 -31.31 -24.51
CA PHE D 155 -59.28 -32.22 -25.32
C PHE D 155 -57.76 -31.89 -25.35
N PHE D 156 -57.40 -30.64 -25.05
CA PHE D 156 -56.03 -30.14 -25.22
C PHE D 156 -55.62 -29.23 -24.09
N ALA D 157 -54.35 -29.32 -23.74
CA ALA D 157 -53.72 -28.55 -22.68
C ALA D 157 -52.47 -27.90 -23.26
N ILE D 158 -52.09 -26.78 -22.67
CA ILE D 158 -50.89 -26.05 -23.07
C ILE D 158 -50.07 -25.72 -21.85
N ASP D 159 -48.78 -25.94 -21.89
CA ASP D 159 -48.00 -25.69 -20.73
C ASP D 159 -47.82 -24.19 -20.60
N SER D 160 -48.07 -23.65 -19.41
CA SER D 160 -48.22 -22.22 -19.25
C SER D 160 -46.88 -21.48 -19.41
N ALA D 161 -45.77 -22.12 -19.09
CA ALA D 161 -44.45 -21.57 -19.23
C ALA D 161 -43.81 -21.86 -20.59
N ARG D 162 -44.12 -23.01 -21.20
CA ARG D 162 -43.32 -23.54 -22.33
C ARG D 162 -44.01 -23.50 -23.68
N GLY D 163 -45.32 -23.40 -23.73
CA GLY D 163 -46.00 -23.20 -25.00
C GLY D 163 -46.41 -24.48 -25.67
N ILE D 164 -46.05 -25.62 -25.05
CA ILE D 164 -46.24 -26.96 -25.64
C ILE D 164 -47.66 -27.43 -25.48
N VAL D 165 -48.35 -27.75 -26.57
CA VAL D 165 -49.72 -28.20 -26.50
C VAL D 165 -49.76 -29.77 -26.48
N THR D 166 -50.49 -30.33 -25.52
CA THR D 166 -50.72 -31.77 -25.46
C THR D 166 -52.20 -32.16 -25.58
N VAL D 167 -52.41 -33.36 -26.12
CA VAL D 167 -53.71 -33.99 -26.07
C VAL D 167 -53.89 -34.55 -24.67
N ILE D 168 -55.03 -34.20 -24.07
CA ILE D 168 -55.39 -34.66 -22.72
C ILE D 168 -56.60 -35.60 -22.66
N GLN D 169 -57.36 -35.69 -23.76
CA GLN D 169 -58.49 -36.61 -23.91
C GLN D 169 -58.51 -37.11 -25.36
N GLU D 170 -58.78 -38.41 -25.51
CA GLU D 170 -58.70 -39.08 -26.82
C GLU D 170 -59.71 -38.50 -27.78
N LEU D 171 -59.35 -38.61 -29.06
CA LEU D 171 -60.05 -37.94 -30.11
C LEU D 171 -60.95 -38.91 -30.82
N ASP D 172 -61.90 -38.35 -31.54
CA ASP D 172 -62.83 -39.07 -32.34
C ASP D 172 -63.21 -38.20 -33.54
N TYR D 173 -62.67 -38.57 -34.71
CA TYR D 173 -63.00 -37.94 -35.98
C TYR D 173 -64.51 -37.73 -36.16
N GLU D 174 -65.31 -38.72 -35.74
CA GLU D 174 -66.76 -38.77 -36.00
C GLU D 174 -67.55 -37.67 -35.25
N VAL D 175 -67.04 -37.17 -34.12
CA VAL D 175 -67.66 -36.00 -33.47
C VAL D 175 -67.12 -34.69 -34.09
N THR D 176 -65.78 -34.60 -34.20
CA THR D 176 -65.10 -33.36 -34.58
C THR D 176 -63.79 -33.60 -35.37
N GLN D 177 -63.72 -32.94 -36.53
CA GLN D 177 -62.62 -33.11 -37.50
C GLN D 177 -61.62 -31.94 -37.50
N ALA D 178 -62.04 -30.81 -36.92
CA ALA D 178 -61.21 -29.62 -36.72
C ALA D 178 -61.62 -28.90 -35.42
N TYR D 179 -60.65 -28.33 -34.71
CA TYR D 179 -60.90 -27.48 -33.58
C TYR D 179 -60.33 -26.09 -33.91
N GLN D 180 -60.80 -25.06 -33.21
CA GLN D 180 -60.30 -23.70 -33.42
C GLN D 180 -60.10 -23.08 -32.06
N LEU D 181 -58.87 -23.15 -31.57
CA LEU D 181 -58.58 -22.78 -30.19
C LEU D 181 -57.92 -21.40 -30.17
N THR D 182 -58.31 -20.60 -29.17
CA THR D 182 -57.66 -19.33 -28.88
C THR D 182 -56.59 -19.51 -27.79
N VAL D 183 -55.34 -19.23 -28.15
CA VAL D 183 -54.24 -19.11 -27.24
C VAL D 183 -54.13 -17.66 -26.76
N ASN D 184 -53.94 -17.51 -25.46
CA ASN D 184 -53.64 -16.22 -24.83
C ASN D 184 -52.22 -16.29 -24.28
N ALA D 185 -51.45 -15.28 -24.62
CA ALA D 185 -50.14 -15.08 -24.08
C ALA D 185 -50.22 -13.80 -23.26
N THR D 186 -49.92 -13.89 -21.97
CA THR D 186 -50.00 -12.70 -21.09
C THR D 186 -48.69 -12.55 -20.43
N ASP D 187 -48.34 -11.29 -20.14
CA ASP D 187 -47.21 -11.06 -19.24
C ASP D 187 -47.76 -11.13 -17.84
N GLN D 188 -46.93 -10.85 -16.85
CA GLN D 188 -47.28 -11.12 -15.47
C GLN D 188 -47.09 -9.92 -14.61
N ASP D 189 -47.14 -8.73 -15.21
CA ASP D 189 -47.16 -7.54 -14.43
C ASP D 189 -48.28 -7.64 -13.42
N LYS D 190 -47.96 -7.21 -12.21
CA LYS D 190 -48.83 -7.38 -11.04
C LYS D 190 -50.14 -6.63 -11.21
N THR D 191 -50.06 -5.34 -11.54
CA THR D 191 -51.21 -4.44 -11.62
C THR D 191 -51.69 -4.15 -13.04
N ARG D 192 -50.80 -4.17 -14.03
CA ARG D 192 -51.21 -3.90 -15.41
C ARG D 192 -50.83 -5.01 -16.44
N PRO D 193 -51.20 -6.28 -16.16
CA PRO D 193 -50.79 -7.29 -17.11
C PRO D 193 -51.37 -7.05 -18.50
N LEU D 194 -50.60 -7.29 -19.55
CA LEU D 194 -51.07 -7.17 -20.94
C LEU D 194 -50.95 -8.53 -21.64
N SER D 195 -51.81 -8.77 -22.61
CA SER D 195 -51.91 -10.04 -23.24
C SER D 195 -52.38 -9.91 -24.68
N THR D 196 -52.23 -11.02 -25.39
CA THR D 196 -52.45 -11.09 -26.83
C THR D 196 -53.05 -12.43 -27.22
N LEU D 197 -53.94 -12.44 -28.20
CA LEU D 197 -54.56 -13.72 -28.62
C LEU D 197 -54.04 -14.22 -29.96
N ALA D 198 -53.97 -15.52 -30.10
CA ALA D 198 -53.62 -16.15 -31.36
C ALA D 198 -54.54 -17.34 -31.60
N ASN D 199 -55.01 -17.51 -32.83
CA ASN D 199 -55.74 -18.74 -33.21
C ASN D 199 -54.80 -19.91 -33.36
N LEU D 200 -55.24 -21.06 -32.85
CA LEU D 200 -54.60 -22.38 -33.11
C LEU D 200 -55.63 -23.36 -33.72
N ALA D 201 -55.37 -23.76 -34.97
CA ALA D 201 -56.23 -24.74 -35.70
C ALA D 201 -55.61 -26.14 -35.58
N ILE D 202 -56.38 -27.08 -35.04
CA ILE D 202 -55.96 -28.49 -34.91
C ILE D 202 -56.89 -29.31 -35.79
N ILE D 203 -56.31 -30.00 -36.75
CA ILE D 203 -57.07 -30.74 -37.74
C ILE D 203 -56.91 -32.24 -37.48
N ILE D 204 -58.03 -32.96 -37.56
CA ILE D 204 -58.04 -34.38 -37.27
C ILE D 204 -58.27 -35.13 -38.59
N THR D 205 -57.52 -36.24 -38.78
CA THR D 205 -57.65 -37.16 -39.95
C THR D 205 -58.16 -38.54 -39.53
CA CA E . 12.86 -10.62 25.15
CA CA F . 13.98 -12.89 22.06
CA CA G . 10.34 -17.82 19.55
CL CL H . 37.82 -0.92 16.57
CA CA I . -9.76 4.42 -10.72
CA CA J . -11.52 8.10 -10.65
CA CA K . -8.27 13.79 -9.71
CL CL L . -37.21 -0.20 -13.73
CA CA M . 17.78 -31.02 2.05
CA CA N . 37.07 5.64 7.80
CA CA O . 38.76 5.45 11.29
CA CA P . 43.08 10.18 13.45
CA CA Q . -18.56 33.35 -8.22
CA CA R . -41.07 1.37 -23.99
CA CA S . -41.26 -1.04 -20.98
CA CA T . -45.18 -6.59 -21.18
#